data_3GEM
#
_entry.id   3GEM
#
_cell.length_a   74.198
_cell.length_b   73.770
_cell.length_c   162.168
_cell.angle_alpha   90.000
_cell.angle_beta   90.000
_cell.angle_gamma   90.000
#
_symmetry.space_group_name_H-M   'P 21 21 21'
#
loop_
_entity.id
_entity.type
_entity.pdbx_description
1 polymer 'Short chain dehydrogenase'
2 non-polymer 'ACETATE ION'
3 water water
#
_entity_poly.entity_id   1
_entity_poly.type   'polypeptide(L)'
_entity_poly.pdbx_seq_one_letter_code
;(MSE)GSSHHHHHHSSGRENLYFQGH(MSE)TLSSAPILITGASQRVGLHCALRLLEHGHRVIISYRTEHASVTELRQAG
AVALYGDFSCETGI(MSE)AFIDLLKTQTSSLRAVVHNASEWLAETPGEEADNFTR(MSE)FSVH(MSE)LAPYLINLHC
EPLLTASEVADIVHISDDVTRKGSSKHIAYCATKAGLESLTLSFAARFAPLVKVNGIAPALL(MSE)FQPKDDAAYRANA
LAKSALGIEPGAEVIYQSLRYLLDSTYVTGTTLTVNGGRHVKGS
;
_entity_poly.pdbx_strand_id   A,B,C,D
#
loop_
_chem_comp.id
_chem_comp.type
_chem_comp.name
_chem_comp.formula
ACT non-polymer 'ACETATE ION' 'C2 H3 O2 -1'
#
# COMPACT_ATOMS: atom_id res chain seq x y z
N SER A 27 19.43 28.98 -11.19
CA SER A 27 19.75 30.34 -10.57
C SER A 27 18.96 30.69 -9.28
N ALA A 28 17.75 30.21 -9.26
CA ALA A 28 16.80 30.59 -8.26
C ALA A 28 17.19 29.83 -6.98
N PRO A 29 16.86 30.39 -5.82
CA PRO A 29 17.16 29.74 -4.55
C PRO A 29 16.23 28.56 -4.25
N ILE A 30 16.73 27.71 -3.39
CA ILE A 30 15.97 26.62 -2.79
C ILE A 30 15.67 27.01 -1.37
N LEU A 31 14.38 26.95 -1.01
CA LEU A 31 13.94 27.11 0.35
C LEU A 31 13.92 25.78 1.07
N ILE A 32 14.54 25.71 2.24
CA ILE A 32 14.39 24.59 3.16
CA ILE A 32 14.40 24.59 3.15
C ILE A 32 13.91 25.13 4.49
N THR A 33 12.72 24.70 4.86
CA THR A 33 12.12 25.12 6.16
C THR A 33 12.65 24.36 7.35
N GLY A 34 12.69 25.04 8.49
CA GLY A 34 13.09 24.45 9.75
C GLY A 34 14.51 23.91 9.71
N ALA A 35 15.46 24.71 9.21
CA ALA A 35 16.77 24.18 8.83
C ALA A 35 17.71 24.21 10.01
N SER A 36 17.24 24.55 11.19
CA SER A 36 18.08 24.40 12.37
C SER A 36 17.98 22.95 12.93
N GLN A 37 16.96 22.20 12.52
CA GLN A 37 16.85 20.77 12.83
C GLN A 37 18.06 20.05 12.20
N ARG A 38 18.51 18.96 12.79
CA ARG A 38 19.70 18.22 12.34
CA ARG A 38 19.70 18.18 12.34
C ARG A 38 19.70 17.91 10.83
N VAL A 39 18.63 17.29 10.38
CA VAL A 39 18.54 16.85 8.97
C VAL A 39 18.52 18.04 8.02
N GLY A 40 17.74 19.05 8.39
CA GLY A 40 17.57 20.26 7.58
C GLY A 40 18.89 21.04 7.48
N LEU A 41 19.64 21.09 8.59
CA LEU A 41 20.95 21.83 8.64
C LEU A 41 21.88 21.17 7.66
N HIS A 42 22.00 19.83 7.76
CA HIS A 42 22.87 19.06 6.85
C HIS A 42 22.50 19.24 5.39
N CYS A 43 21.20 19.10 5.07
CA CYS A 43 20.76 19.33 3.71
C CYS A 43 21.05 20.74 3.17
N ALA A 44 20.76 21.77 3.98
CA ALA A 44 21.04 23.14 3.56
C ALA A 44 22.51 23.38 3.31
N LEU A 45 23.34 22.90 4.24
CA LEU A 45 24.81 23.04 4.06
C LEU A 45 25.32 22.34 2.81
N ARG A 46 24.80 21.15 2.54
CA ARG A 46 25.19 20.36 1.38
C ARG A 46 24.71 21.05 0.12
N LEU A 47 23.52 21.65 0.13
CA LEU A 47 23.03 22.35 -1.05
C LEU A 47 23.96 23.55 -1.37
N LEU A 48 24.34 24.28 -0.33
CA LEU A 48 25.31 25.40 -0.47
C LEU A 48 26.63 24.93 -1.03
N GLU A 49 27.17 23.85 -0.46
CA GLU A 49 28.40 23.22 -0.97
C GLU A 49 28.30 22.86 -2.46
N HIS A 50 27.10 22.45 -2.90
CA HIS A 50 26.88 22.06 -4.27
C HIS A 50 26.56 23.24 -5.22
N GLY A 51 26.64 24.44 -4.69
CA GLY A 51 26.51 25.66 -5.44
C GLY A 51 25.16 26.31 -5.50
N HIS A 52 24.18 25.75 -4.81
CA HIS A 52 22.86 26.36 -4.84
C HIS A 52 22.81 27.59 -3.97
N ARG A 53 21.97 28.52 -4.36
CA ARG A 53 21.53 29.54 -3.43
C ARG A 53 20.42 28.99 -2.54
N VAL A 54 20.47 29.31 -1.27
CA VAL A 54 19.58 28.70 -0.28
C VAL A 54 18.97 29.77 0.64
N ILE A 55 17.68 29.62 0.87
CA ILE A 55 16.95 30.35 1.89
C ILE A 55 16.53 29.29 2.88
N ILE A 56 16.68 29.58 4.18
CA ILE A 56 16.18 28.75 5.26
C ILE A 56 15.16 29.51 6.09
N SER A 57 14.23 28.78 6.69
CA SER A 57 13.43 29.32 7.79
C SER A 57 13.96 28.75 9.11
N TYR A 58 13.81 29.52 10.17
CA TYR A 58 14.23 29.11 11.49
C TYR A 58 13.23 29.69 12.47
N ARG A 59 13.04 29.00 13.58
CA ARG A 59 12.17 29.50 14.63
C ARG A 59 12.88 29.92 15.87
N THR A 60 14.16 29.57 15.95
CA THR A 60 14.98 29.84 17.11
C THR A 60 16.37 30.22 16.68
N GLU A 61 16.81 31.40 17.09
CA GLU A 61 18.20 31.83 16.88
C GLU A 61 19.11 30.87 17.60
N HIS A 62 20.15 30.39 16.94
CA HIS A 62 20.92 29.26 17.46
C HIS A 62 22.22 29.21 16.67
N ALA A 63 23.25 28.60 17.25
CA ALA A 63 24.53 28.48 16.54
C ALA A 63 24.36 27.85 15.14
N SER A 64 23.45 26.90 14.97
CA SER A 64 23.20 26.30 13.63
C SER A 64 22.68 27.35 12.61
N VAL A 65 21.91 28.32 13.09
CA VAL A 65 21.45 29.41 12.21
C VAL A 65 22.62 30.33 11.81
N THR A 66 23.48 30.68 12.78
CA THR A 66 24.72 31.38 12.45
C THR A 66 25.58 30.60 11.46
N GLU A 67 25.65 29.27 11.66
CA GLU A 67 26.48 28.45 10.74
C GLU A 67 25.93 28.61 9.32
N LEU A 68 24.61 28.54 9.15
CA LEU A 68 23.96 28.70 7.83
C LEU A 68 24.14 30.07 7.22
N ARG A 69 23.98 31.13 7.99
CA ARG A 69 24.28 32.48 7.46
C ARG A 69 25.75 32.56 6.99
N GLN A 70 26.69 32.10 7.83
CA GLN A 70 28.12 32.12 7.45
CA GLN A 70 28.11 32.15 7.46
C GLN A 70 28.43 31.30 6.22
N ALA A 71 27.69 30.22 6.02
CA ALA A 71 27.87 29.38 4.86
C ALA A 71 27.22 29.99 3.62
N GLY A 72 26.39 31.01 3.78
CA GLY A 72 25.79 31.66 2.62
C GLY A 72 24.28 31.64 2.51
N ALA A 73 23.58 31.04 3.47
CA ALA A 73 22.14 30.97 3.41
C ALA A 73 21.53 32.27 3.85
N VAL A 74 20.41 32.66 3.26
CA VAL A 74 19.57 33.76 3.74
C VAL A 74 18.64 33.14 4.79
N ALA A 75 18.56 33.74 5.97
CA ALA A 75 17.81 33.18 7.08
C ALA A 75 16.55 34.04 7.38
N LEU A 76 15.38 33.45 7.23
CA LEU A 76 14.08 34.11 7.45
C LEU A 76 13.43 33.48 8.68
N TYR A 77 12.89 34.30 9.56
CA TYR A 77 12.17 33.75 10.68
C TYR A 77 10.88 33.11 10.15
N GLY A 78 10.48 32.00 10.73
CA GLY A 78 9.23 31.39 10.36
C GLY A 78 8.67 30.62 11.52
N ASP A 79 7.51 31.02 12.02
CA ASP A 79 6.75 30.35 13.05
C ASP A 79 5.54 29.72 12.40
N PHE A 80 5.63 28.42 12.15
CA PHE A 80 4.56 27.70 11.44
C PHE A 80 3.52 27.07 12.39
N SER A 81 3.60 27.45 13.66
CA SER A 81 2.67 26.96 14.70
C SER A 81 1.25 27.47 14.53
N CYS A 82 1.06 28.49 13.72
CA CYS A 82 -0.23 29.07 13.53
C CYS A 82 -0.36 29.76 12.20
N GLU A 83 -1.59 29.95 11.77
CA GLU A 83 -1.88 30.53 10.47
C GLU A 83 -1.23 31.90 10.30
N THR A 84 -1.35 32.76 11.31
CA THR A 84 -0.76 34.11 11.15
C THR A 84 0.76 34.04 10.98
N GLY A 85 1.43 33.11 11.64
CA GLY A 85 2.89 32.98 11.49
C GLY A 85 3.28 32.48 10.10
N ILE A 86 2.44 31.60 9.58
CA ILE A 86 2.68 31.01 8.28
C ILE A 86 2.56 32.14 7.24
N MSE A 87 1.50 32.93 7.31
CA MSE A 87 1.25 33.97 6.31
C MSE A 87 2.34 35.09 6.44
O MSE A 87 2.74 35.69 5.45
CB MSE A 87 -0.16 34.56 6.45
CG MSE A 87 -1.33 33.62 6.27
SE MSE A 87 -1.19 32.76 4.56
CE MSE A 87 -1.51 34.27 3.44
N ALA A 88 2.80 35.36 7.67
CA ALA A 88 3.84 36.37 7.85
C ALA A 88 5.13 35.88 7.17
N PHE A 89 5.42 34.60 7.30
CA PHE A 89 6.59 34.01 6.65
C PHE A 89 6.44 34.08 5.12
N ILE A 90 5.28 33.71 4.60
CA ILE A 90 5.06 33.83 3.15
C ILE A 90 5.31 35.25 2.66
N ASP A 91 4.83 36.24 3.44
CA ASP A 91 4.99 37.64 3.05
C ASP A 91 6.50 38.01 2.99
N LEU A 92 7.23 37.54 3.99
CA LEU A 92 8.66 37.76 4.08
C LEU A 92 9.40 37.09 2.93
N LEU A 93 9.06 35.83 2.64
CA LEU A 93 9.69 35.11 1.56
C LEU A 93 9.54 35.84 0.23
N LYS A 94 8.35 36.34 -0.01
CA LYS A 94 8.05 36.99 -1.29
C LYS A 94 8.79 38.32 -1.40
N THR A 95 9.05 39.00 -0.27
CA THR A 95 9.95 40.17 -0.33
C THR A 95 11.41 39.77 -0.68
N GLN A 96 11.81 38.54 -0.35
CA GLN A 96 13.17 38.08 -0.51
C GLN A 96 13.49 37.66 -1.92
N THR A 97 12.53 37.04 -2.59
CA THR A 97 12.80 36.47 -3.89
C THR A 97 11.55 36.44 -4.72
N SER A 98 11.74 36.58 -6.03
CA SER A 98 10.65 36.46 -7.01
C SER A 98 10.59 35.09 -7.67
N SER A 99 11.56 34.23 -7.38
CA SER A 99 11.58 32.89 -7.96
C SER A 99 12.14 31.90 -6.97
N LEU A 100 11.76 30.63 -7.14
CA LEU A 100 12.28 29.51 -6.33
C LEU A 100 12.57 28.36 -7.24
N ARG A 101 13.72 27.74 -7.05
CA ARG A 101 14.07 26.49 -7.70
C ARG A 101 13.28 25.33 -7.03
N ALA A 102 13.12 25.41 -5.70
CA ALA A 102 12.47 24.36 -4.96
C ALA A 102 12.07 24.79 -3.60
N VAL A 103 11.10 24.06 -3.06
CA VAL A 103 10.74 24.20 -1.66
C VAL A 103 10.85 22.84 -1.00
N VAL A 104 11.61 22.76 0.08
CA VAL A 104 11.78 21.53 0.82
C VAL A 104 11.11 21.79 2.15
N HIS A 105 9.98 21.12 2.37
CA HIS A 105 9.24 21.17 3.64
C HIS A 105 9.82 20.21 4.65
N ASN A 106 10.78 20.73 5.41
CA ASN A 106 11.54 19.95 6.37
C ASN A 106 11.10 20.24 7.80
N ALA A 107 10.50 21.41 8.01
CA ALA A 107 10.06 21.81 9.36
C ALA A 107 9.18 20.75 10.01
N SER A 108 9.51 20.37 11.26
CA SER A 108 8.81 19.26 11.91
C SER A 108 8.76 19.57 13.39
N GLU A 109 7.68 19.21 14.06
CA GLU A 109 7.65 19.34 15.52
C GLU A 109 7.03 18.11 16.09
N TRP A 110 7.77 17.42 16.94
CA TRP A 110 7.25 16.27 17.61
C TRP A 110 6.93 16.75 19.03
N LEU A 111 5.68 16.63 19.45
CA LEU A 111 5.27 16.98 20.78
C LEU A 111 4.73 15.74 21.46
N ALA A 112 4.88 15.69 22.79
CA ALA A 112 4.26 14.65 23.61
C ALA A 112 2.75 14.85 23.69
N GLU A 113 2.03 13.76 23.91
CA GLU A 113 0.57 13.80 24.16
C GLU A 113 0.26 14.00 25.65
N THR A 114 0.66 15.16 26.16
CA THR A 114 0.59 15.47 27.55
C THR A 114 -0.87 15.62 27.88
N PRO A 115 -1.29 14.98 28.99
CA PRO A 115 -2.69 15.04 29.37
C PRO A 115 -3.12 16.50 29.53
N GLY A 116 -4.27 16.86 28.96
CA GLY A 116 -4.74 18.23 29.01
C GLY A 116 -4.21 19.16 27.96
N GLU A 117 -3.21 18.69 27.19
CA GLU A 117 -2.63 19.50 26.10
C GLU A 117 -2.73 18.80 24.74
N GLU A 118 -3.48 17.73 24.68
CA GLU A 118 -3.50 16.90 23.46
C GLU A 118 -4.05 17.66 22.28
N ALA A 119 -5.11 18.45 22.49
CA ALA A 119 -5.73 19.20 21.39
C ALA A 119 -4.80 20.28 20.90
N ASP A 120 -4.22 21.04 21.83
CA ASP A 120 -3.27 22.09 21.49
C ASP A 120 -2.10 21.52 20.71
N ASN A 121 -1.56 20.39 21.15
CA ASN A 121 -0.39 19.81 20.48
C ASN A 121 -0.73 19.24 19.11
N PHE A 122 -1.89 18.61 18.98
CA PHE A 122 -2.33 18.10 17.69
C PHE A 122 -2.51 19.27 16.69
N THR A 123 -3.14 20.35 17.14
CA THR A 123 -3.36 21.50 16.29
C THR A 123 -2.04 22.15 15.86
N ARG A 124 -1.09 22.24 16.79
CA ARG A 124 0.23 22.77 16.47
C ARG A 124 0.96 21.94 15.43
N MSE A 125 0.92 20.60 15.55
CA MSE A 125 1.54 19.73 14.57
C MSE A 125 0.82 19.72 13.23
O MSE A 125 1.48 19.69 12.18
CB MSE A 125 1.67 18.32 15.11
CG MSE A 125 2.61 18.30 16.30
SE MSE A 125 3.04 16.55 16.99
CE MSE A 125 1.32 16.09 17.81
N PHE A 126 -0.51 19.84 13.26
CA PHE A 126 -1.28 20.13 12.06
C PHE A 126 -0.80 21.36 11.35
N SER A 127 -0.57 22.41 12.11
CA SER A 127 -0.15 23.67 11.51
CA SER A 127 -0.16 23.68 11.54
C SER A 127 1.23 23.53 10.88
N VAL A 128 2.16 22.92 11.58
CA VAL A 128 3.53 22.79 11.06
C VAL A 128 3.63 21.80 9.87
N HIS A 129 2.99 20.66 9.97
CA HIS A 129 3.18 19.58 9.03
C HIS A 129 2.21 19.62 7.85
N MSE A 130 1.09 20.28 8.03
CA MSE A 130 0.03 20.22 7.00
C MSE A 130 -0.37 21.63 6.52
O MSE A 130 -0.30 21.93 5.33
CB MSE A 130 -1.22 19.51 7.51
CG MSE A 130 -1.02 18.01 7.63
SE MSE A 130 -2.41 17.03 8.52
CE MSE A 130 -3.96 17.50 7.38
N LEU A 131 -0.79 22.48 7.45
CA LEU A 131 -1.23 23.82 7.07
C LEU A 131 -0.11 24.61 6.40
N ALA A 132 1.07 24.58 6.98
CA ALA A 132 2.19 25.32 6.42
C ALA A 132 2.59 24.89 5.00
N PRO A 133 2.82 23.58 4.76
CA PRO A 133 3.16 23.17 3.38
C PRO A 133 2.06 23.53 2.38
N TYR A 134 0.80 23.34 2.80
CA TYR A 134 -0.32 23.62 1.93
C TYR A 134 -0.37 25.09 1.55
N LEU A 135 -0.30 25.98 2.54
CA LEU A 135 -0.34 27.46 2.25
C LEU A 135 0.89 27.98 1.47
N ILE A 136 2.06 27.49 1.85
CA ILE A 136 3.31 27.87 1.20
C ILE A 136 3.22 27.38 -0.22
N ASN A 137 2.83 26.11 -0.41
CA ASN A 137 2.69 25.60 -1.78
C ASN A 137 1.71 26.39 -2.64
N LEU A 138 0.54 26.68 -2.11
CA LEU A 138 -0.48 27.42 -2.84
C LEU A 138 0.04 28.80 -3.20
N HIS A 139 0.59 29.49 -2.19
CA HIS A 139 0.97 30.87 -2.38
C HIS A 139 2.26 31.04 -3.16
N CYS A 140 3.11 30.01 -3.19
CA CYS A 140 4.42 30.13 -3.77
C CYS A 140 4.51 29.46 -5.15
N GLU A 141 3.39 28.93 -5.63
CA GLU A 141 3.39 28.33 -6.93
C GLU A 141 3.93 29.28 -8.04
N PRO A 142 3.52 30.56 -8.03
CA PRO A 142 4.08 31.44 -9.07
C PRO A 142 5.58 31.68 -8.96
N LEU A 143 6.13 31.61 -7.75
CA LEU A 143 7.57 31.69 -7.61
C LEU A 143 8.30 30.48 -8.23
N LEU A 144 7.76 29.31 -8.00
CA LEU A 144 8.29 28.06 -8.56
C LEU A 144 8.15 28.03 -10.07
N THR A 145 7.01 28.49 -10.59
CA THR A 145 6.80 28.44 -12.04
C THR A 145 7.65 29.47 -12.78
N ALA A 146 8.27 30.35 -12.03
CA ALA A 146 9.20 31.30 -12.61
C ALA A 146 10.53 30.60 -12.86
N SER A 147 10.67 29.36 -12.37
CA SER A 147 11.85 28.53 -12.58
C SER A 147 11.59 27.45 -13.63
N GLU A 148 12.53 27.33 -14.59
CA GLU A 148 12.52 26.26 -15.62
C GLU A 148 12.35 24.82 -15.12
N VAL A 149 13.05 24.48 -14.05
CA VAL A 149 12.84 23.23 -13.35
C VAL A 149 12.41 23.64 -11.93
N ALA A 150 11.36 23.04 -11.43
CA ALA A 150 10.81 23.41 -10.14
C ALA A 150 10.40 22.15 -9.40
N ASP A 151 10.67 22.10 -8.11
CA ASP A 151 10.37 20.94 -7.25
C ASP A 151 9.78 21.41 -5.89
N ILE A 152 8.88 20.62 -5.39
CA ILE A 152 8.48 20.63 -3.97
C ILE A 152 8.80 19.25 -3.42
N VAL A 153 9.43 19.23 -2.26
CA VAL A 153 9.69 17.97 -1.57
C VAL A 153 9.11 18.10 -0.15
N HIS A 154 8.29 17.13 0.23
CA HIS A 154 7.74 17.03 1.58
C HIS A 154 8.51 15.98 2.37
N ILE A 155 9.11 16.40 3.48
CA ILE A 155 9.83 15.44 4.35
C ILE A 155 8.86 15.06 5.50
N SER A 156 8.40 13.82 5.44
CA SER A 156 7.45 13.31 6.43
C SER A 156 8.14 12.47 7.47
N ASP A 157 7.72 11.23 7.67
CA ASP A 157 8.28 10.33 8.65
C ASP A 157 7.75 8.96 8.33
N ASP A 158 8.63 7.97 8.28
CA ASP A 158 8.28 6.56 7.95
C ASP A 158 7.30 5.93 8.97
N VAL A 159 7.13 6.55 10.14
CA VAL A 159 6.13 6.13 11.12
C VAL A 159 4.73 5.94 10.50
N THR A 160 4.39 6.70 9.47
CA THR A 160 3.08 6.64 8.85
C THR A 160 2.74 5.28 8.28
N ARG A 161 3.75 4.50 7.88
CA ARG A 161 3.52 3.15 7.36
CA ARG A 161 3.42 3.21 7.28
C ARG A 161 2.68 2.27 8.25
N LYS A 162 3.12 2.20 9.51
CA LYS A 162 2.58 1.33 10.47
C LYS A 162 1.56 2.02 11.38
N GLY A 163 1.68 3.33 11.54
CA GLY A 163 0.98 4.02 12.61
C GLY A 163 1.79 3.93 13.88
N SER A 164 1.33 4.64 14.89
CA SER A 164 2.02 4.68 16.17
C SER A 164 1.07 4.67 17.33
N SER A 165 1.17 3.68 18.20
CA SER A 165 0.38 3.63 19.38
C SER A 165 0.68 4.84 20.26
N LYS A 166 1.96 5.14 20.41
CA LYS A 166 2.39 6.27 21.26
C LYS A 166 2.16 7.65 20.64
N HIS A 167 2.57 7.86 19.41
CA HIS A 167 2.60 9.17 18.79
C HIS A 167 1.48 9.31 17.74
N ILE A 168 0.26 9.17 18.23
CA ILE A 168 -0.92 9.08 17.33
C ILE A 168 -1.09 10.36 16.53
N ALA A 169 -1.12 11.48 17.24
CA ALA A 169 -1.38 12.81 16.61
C ALA A 169 -0.27 13.16 15.64
N TYR A 170 0.96 12.94 16.08
CA TYR A 170 2.14 13.20 15.26
C TYR A 170 2.05 12.43 13.96
N CYS A 171 1.86 11.13 14.07
CA CYS A 171 1.75 10.27 12.92
C CYS A 171 0.64 10.70 11.97
N ALA A 172 -0.51 11.07 12.51
CA ALA A 172 -1.61 11.48 11.66
C ALA A 172 -1.34 12.74 10.85
N THR A 173 -0.62 13.69 11.47
CA THR A 173 -0.24 14.92 10.78
C THR A 173 0.77 14.65 9.69
N LYS A 174 1.66 13.70 9.91
CA LYS A 174 2.64 13.28 8.89
C LYS A 174 1.93 12.54 7.73
N ALA A 175 0.91 11.74 8.04
CA ALA A 175 0.10 11.11 7.02
C ALA A 175 -0.62 12.11 6.14
N GLY A 176 -1.10 13.20 6.74
CA GLY A 176 -1.76 14.26 5.98
C GLY A 176 -0.82 14.92 5.04
N LEU A 177 0.41 15.15 5.51
CA LEU A 177 1.46 15.70 4.64
C LEU A 177 1.73 14.84 3.43
N GLU A 178 1.77 13.51 3.66
CA GLU A 178 2.00 12.59 2.54
C GLU A 178 0.89 12.64 1.52
N SER A 179 -0.33 12.91 1.97
CA SER A 179 -1.44 13.12 1.05
C SER A 179 -1.23 14.34 0.15
N LEU A 180 -0.75 15.41 0.77
CA LEU A 180 -0.43 16.63 0.02
C LEU A 180 0.55 16.39 -1.11
N THR A 181 1.44 15.42 -1.00
CA THR A 181 2.30 15.08 -2.09
C THR A 181 1.53 14.61 -3.32
N LEU A 182 0.60 13.68 -3.15
CA LEU A 182 -0.16 13.18 -4.28
C LEU A 182 -0.96 14.31 -4.91
N SER A 183 -1.60 15.11 -4.05
CA SER A 183 -2.58 16.04 -4.51
C SER A 183 -1.94 17.24 -5.22
N PHE A 184 -0.86 17.76 -4.64
CA PHE A 184 -0.12 18.85 -5.28
C PHE A 184 0.62 18.33 -6.50
N ALA A 185 1.10 17.07 -6.52
CA ALA A 185 1.73 16.54 -7.74
C ALA A 185 0.73 16.64 -8.88
N ALA A 186 -0.54 16.35 -8.60
CA ALA A 186 -1.60 16.38 -9.60
C ALA A 186 -1.89 17.83 -10.02
N ARG A 187 -2.10 18.73 -9.05
CA ARG A 187 -2.46 20.07 -9.40
C ARG A 187 -1.35 20.82 -10.10
N PHE A 188 -0.12 20.61 -9.65
CA PHE A 188 0.97 21.39 -10.16
C PHE A 188 1.65 20.82 -11.37
N ALA A 189 1.22 19.65 -11.86
CA ALA A 189 1.71 19.15 -13.14
C ALA A 189 1.34 20.12 -14.28
N PRO A 190 2.20 20.27 -15.29
CA PRO A 190 3.49 19.61 -15.49
C PRO A 190 4.69 20.44 -15.00
N LEU A 191 4.44 21.64 -14.49
CA LEU A 191 5.51 22.58 -14.24
C LEU A 191 6.27 22.43 -12.93
N VAL A 192 5.66 21.80 -11.90
CA VAL A 192 6.32 21.57 -10.63
C VAL A 192 6.19 20.10 -10.25
N LYS A 193 7.33 19.48 -10.04
CA LYS A 193 7.37 18.10 -9.59
C LYS A 193 7.20 18.11 -8.08
N VAL A 194 6.36 17.20 -7.54
CA VAL A 194 6.11 17.20 -6.10
C VAL A 194 6.33 15.79 -5.58
N ASN A 195 7.25 15.62 -4.64
CA ASN A 195 7.62 14.32 -4.14
C ASN A 195 7.83 14.35 -2.65
N GLY A 196 8.03 13.20 -2.05
CA GLY A 196 8.30 13.10 -0.62
C GLY A 196 9.51 12.27 -0.28
N ILE A 197 10.05 12.48 0.94
CA ILE A 197 10.98 11.59 1.58
C ILE A 197 10.37 11.27 2.95
N ALA A 198 10.37 10.00 3.29
CA ALA A 198 9.86 9.49 4.54
C ALA A 198 10.98 8.81 5.35
N PRO A 199 11.72 9.61 6.13
CA PRO A 199 12.81 9.02 6.90
C PRO A 199 12.30 8.42 8.20
N ALA A 200 12.98 7.43 8.73
CA ALA A 200 12.69 6.92 10.06
C ALA A 200 13.26 7.93 11.07
N LEU A 201 12.58 9.07 11.26
CA LEU A 201 13.12 10.19 12.02
C LEU A 201 13.43 9.79 13.45
N LEU A 202 12.91 8.67 13.91
CA LEU A 202 13.40 8.14 15.18
C LEU A 202 14.95 7.84 15.15
N MSE A 203 15.47 7.41 13.99
CA MSE A 203 16.89 7.02 13.87
C MSE A 203 17.82 8.20 13.90
O MSE A 203 19.00 8.06 14.19
CB MSE A 203 17.14 6.28 12.56
CG MSE A 203 16.23 5.11 12.32
SE MSE A 203 15.99 4.07 13.92
CE MSE A 203 14.14 4.49 14.32
N PHE A 204 17.28 9.38 13.57
CA PHE A 204 18.03 10.62 13.51
C PHE A 204 17.77 11.36 14.82
N SER A 220 15.96 -1.44 12.90
CA SER A 220 16.32 -1.48 11.48
C SER A 220 17.04 -2.78 11.04
N ALA A 221 16.71 -3.25 9.84
CA ALA A 221 17.34 -4.42 9.21
C ALA A 221 18.85 -4.23 8.89
N LEU A 222 19.23 -3.03 8.46
CA LEU A 222 20.63 -2.73 8.12
C LEU A 222 21.56 -2.57 9.35
N GLY A 223 21.01 -2.06 10.45
CA GLY A 223 21.72 -2.03 11.73
C GLY A 223 22.92 -1.11 11.77
N ILE A 224 22.88 -0.07 10.92
CA ILE A 224 23.85 1.01 10.95
C ILE A 224 23.14 2.23 11.55
N GLU A 225 23.91 3.20 12.00
CA GLU A 225 23.37 4.47 12.40
C GLU A 225 23.41 5.38 11.18
N PRO A 226 22.26 5.93 10.78
CA PRO A 226 22.27 6.75 9.59
C PRO A 226 22.79 8.16 9.89
N GLY A 227 23.57 8.70 8.97
CA GLY A 227 23.81 10.14 8.92
C GLY A 227 22.72 10.80 8.11
N ALA A 228 22.53 12.10 8.31
CA ALA A 228 21.57 12.90 7.52
C ALA A 228 21.89 12.89 6.01
N GLU A 229 23.08 12.42 5.66
CA GLU A 229 23.49 12.39 4.25
C GLU A 229 22.56 11.53 3.38
N VAL A 230 21.96 10.47 3.98
CA VAL A 230 21.03 9.62 3.25
C VAL A 230 19.82 10.46 2.79
N ILE A 231 19.40 11.38 3.62
CA ILE A 231 18.27 12.26 3.28
CA ILE A 231 18.27 12.25 3.26
C ILE A 231 18.69 13.23 2.17
N TYR A 232 19.91 13.73 2.25
CA TYR A 232 20.39 14.66 1.21
C TYR A 232 20.48 13.93 -0.13
N GLN A 233 20.97 12.68 -0.13
CA GLN A 233 21.08 11.88 -1.37
CA GLN A 233 21.08 11.99 -1.42
C GLN A 233 19.69 11.71 -1.98
N SER A 234 18.69 11.49 -1.11
CA SER A 234 17.31 11.34 -1.57
C SER A 234 16.82 12.62 -2.20
N LEU A 235 17.11 13.75 -1.53
CA LEU A 235 16.73 15.07 -2.05
C LEU A 235 17.37 15.36 -3.40
N ARG A 236 18.63 15.04 -3.54
CA ARG A 236 19.33 15.23 -4.81
CA ARG A 236 19.33 15.22 -4.82
C ARG A 236 18.69 14.39 -5.92
N TYR A 237 18.36 13.14 -5.63
CA TYR A 237 17.74 12.30 -6.65
C TYR A 237 16.45 12.94 -7.16
N LEU A 238 15.63 13.44 -6.23
CA LEU A 238 14.34 14.00 -6.60
C LEU A 238 14.53 15.32 -7.38
N LEU A 239 15.41 16.18 -6.90
CA LEU A 239 15.67 17.49 -7.56
C LEU A 239 16.23 17.26 -8.96
N ASP A 240 17.11 16.29 -9.09
CA ASP A 240 17.79 16.09 -10.37
C ASP A 240 16.93 15.33 -11.38
N SER A 241 15.91 14.61 -10.95
CA SER A 241 15.04 13.91 -11.91
CA SER A 241 15.05 13.91 -11.91
C SER A 241 14.24 14.92 -12.73
N THR A 242 13.95 14.58 -13.96
CA THR A 242 13.04 15.39 -14.78
C THR A 242 11.61 14.88 -14.69
N TYR A 243 11.46 13.63 -14.31
CA TYR A 243 10.32 12.79 -14.64
C TYR A 243 9.42 12.63 -13.39
N VAL A 244 10.08 12.38 -12.29
CA VAL A 244 9.45 11.81 -11.13
C VAL A 244 8.56 12.81 -10.40
N THR A 245 7.31 12.44 -10.22
CA THR A 245 6.39 13.23 -9.47
C THR A 245 5.33 12.33 -8.78
N GLY A 246 4.89 12.78 -7.61
CA GLY A 246 3.87 12.06 -6.83
C GLY A 246 4.37 10.88 -6.03
N THR A 247 5.69 10.73 -5.95
CA THR A 247 6.34 9.59 -5.26
C THR A 247 6.89 9.96 -3.89
N THR A 248 7.15 8.95 -3.05
CA THR A 248 7.72 9.20 -1.74
C THR A 248 8.81 8.15 -1.51
N LEU A 249 9.99 8.60 -1.17
CA LEU A 249 11.15 7.71 -0.94
C LEU A 249 11.20 7.37 0.53
N THR A 250 11.25 6.07 0.82
CA THR A 250 11.30 5.58 2.19
C THR A 250 12.77 5.39 2.56
N VAL A 251 13.21 6.06 3.62
CA VAL A 251 14.59 5.93 4.09
C VAL A 251 14.60 5.44 5.53
N ASN A 252 14.57 4.12 5.69
CA ASN A 252 14.25 3.51 7.03
C ASN A 252 15.05 2.30 7.40
N GLY A 253 16.14 2.04 6.67
CA GLY A 253 16.99 0.88 6.97
C GLY A 253 16.33 -0.49 6.98
N GLY A 254 15.24 -0.62 6.24
CA GLY A 254 14.49 -1.86 6.15
C GLY A 254 13.64 -2.16 7.39
N ARG A 255 13.33 -1.12 8.19
CA ARG A 255 12.53 -1.30 9.41
CA ARG A 255 12.57 -1.34 9.42
C ARG A 255 11.32 -2.20 9.13
N HIS A 256 10.67 -1.98 7.99
CA HIS A 256 9.41 -2.66 7.65
C HIS A 256 9.57 -4.13 7.27
N VAL A 257 10.81 -4.56 7.01
CA VAL A 257 11.04 -5.99 6.70
C VAL A 257 11.63 -6.74 7.89
N LYS A 258 12.20 -5.97 8.81
CA LYS A 258 12.65 -6.45 10.12
C LYS A 258 11.45 -6.47 11.06
N LEU B 25 -27.57 -9.01 21.59
CA LEU B 25 -27.25 -7.58 21.36
C LEU B 25 -26.82 -6.87 22.65
N SER B 26 -25.81 -6.00 22.53
CA SER B 26 -25.35 -5.15 23.64
C SER B 26 -26.49 -4.22 24.02
N SER B 27 -26.62 -3.96 25.32
CA SER B 27 -27.46 -2.88 25.80
C SER B 27 -26.70 -1.52 25.80
N ALA B 28 -25.37 -1.54 25.58
CA ALA B 28 -24.60 -0.27 25.52
C ALA B 28 -24.89 0.33 24.15
N PRO B 29 -25.09 1.65 24.08
CA PRO B 29 -25.42 2.28 22.83
C PRO B 29 -24.25 2.40 21.87
N ILE B 30 -24.58 2.57 20.60
CA ILE B 30 -23.67 2.95 19.55
C ILE B 30 -23.85 4.45 19.24
N LEU B 31 -22.74 5.17 19.27
CA LEU B 31 -22.69 6.58 18.81
C LEU B 31 -22.35 6.63 17.34
N ILE B 32 -23.15 7.35 16.58
N ILE B 32 -23.15 7.33 16.59
CA ILE B 32 -22.84 7.69 15.20
CA ILE B 32 -22.78 7.64 15.21
C ILE B 32 -22.80 9.19 15.12
C ILE B 32 -22.82 9.15 15.05
N THR B 33 -21.67 9.75 14.76
CA THR B 33 -21.56 11.17 14.62
C THR B 33 -22.06 11.67 13.27
N GLY B 34 -22.51 12.92 13.25
CA GLY B 34 -22.98 13.56 12.04
C GLY B 34 -24.03 12.80 11.29
N ALA B 35 -25.01 12.27 12.01
CA ALA B 35 -26.01 11.33 11.42
C ALA B 35 -27.15 11.98 10.65
N SER B 36 -27.15 13.28 10.44
CA SER B 36 -28.10 13.88 9.50
C SER B 36 -27.57 13.79 8.06
N GLN B 37 -26.32 13.40 7.91
CA GLN B 37 -25.77 13.16 6.58
C GLN B 37 -26.42 11.91 6.01
N ARG B 38 -26.65 11.85 4.69
CA ARG B 38 -27.32 10.69 4.06
C ARG B 38 -26.83 9.32 4.56
N VAL B 39 -25.51 9.11 4.53
CA VAL B 39 -24.94 7.80 4.91
C VAL B 39 -25.13 7.49 6.38
N GLY B 40 -24.88 8.48 7.20
CA GLY B 40 -25.04 8.40 8.62
C GLY B 40 -26.49 8.14 9.01
N LEU B 41 -27.42 8.79 8.29
CA LEU B 41 -28.82 8.67 8.65
C LEU B 41 -29.23 7.21 8.42
N HIS B 42 -28.91 6.69 7.23
CA HIS B 42 -29.26 5.30 6.87
C HIS B 42 -28.69 4.30 7.90
N CYS B 43 -27.40 4.41 8.19
CA CYS B 43 -26.77 3.55 9.17
C CYS B 43 -27.42 3.61 10.55
N ALA B 44 -27.72 4.80 11.02
CA ALA B 44 -28.35 4.97 12.32
C ALA B 44 -29.70 4.31 12.34
N LEU B 45 -30.50 4.53 11.29
CA LEU B 45 -31.83 3.96 11.22
C LEU B 45 -31.76 2.41 11.21
N ARG B 46 -30.81 1.86 10.47
CA ARG B 46 -30.67 0.42 10.35
C ARG B 46 -30.20 -0.17 11.68
N LEU B 47 -29.29 0.55 12.38
CA LEU B 47 -28.86 0.07 13.71
C LEU B 47 -30.05 0.03 14.66
N LEU B 48 -30.89 1.06 14.61
CA LEU B 48 -32.11 1.08 15.46
C LEU B 48 -33.02 -0.09 15.13
N GLU B 49 -33.26 -0.29 13.84
CA GLU B 49 -34.01 -1.48 13.34
C GLU B 49 -33.41 -2.82 13.83
N HIS B 50 -32.08 -2.93 13.79
CA HIS B 50 -31.33 -4.13 14.29
C HIS B 50 -31.58 -4.36 15.81
N GLY B 51 -31.90 -3.33 16.56
CA GLY B 51 -32.09 -3.47 18.01
C GLY B 51 -31.08 -2.76 18.88
N HIS B 52 -30.11 -2.07 18.26
CA HIS B 52 -29.14 -1.28 19.05
C HIS B 52 -29.76 -0.01 19.58
N ARG B 53 -29.40 0.38 20.79
CA ARG B 53 -29.63 1.75 21.21
C ARG B 53 -28.59 2.57 20.51
N VAL B 54 -28.99 3.77 20.11
CA VAL B 54 -28.16 4.61 19.23
C VAL B 54 -28.17 6.01 19.78
N ILE B 55 -26.99 6.62 19.88
CA ILE B 55 -26.88 8.03 20.14
C ILE B 55 -26.30 8.63 18.86
N ILE B 56 -26.80 9.81 18.44
CA ILE B 56 -26.30 10.51 17.29
C ILE B 56 -25.84 11.88 17.71
N SER B 57 -24.86 12.44 16.98
CA SER B 57 -24.59 13.85 17.06
C SER B 57 -25.18 14.55 15.84
N TYR B 58 -25.55 15.81 16.01
CA TYR B 58 -26.05 16.61 14.94
C TYR B 58 -25.58 18.03 15.14
N ARG B 59 -25.43 18.74 14.03
CA ARG B 59 -25.02 20.12 14.11
CA ARG B 59 -24.99 20.13 14.07
C ARG B 59 -26.07 21.10 13.61
N THR B 60 -27.11 20.62 12.98
CA THR B 60 -28.20 21.47 12.52
C THR B 60 -29.52 20.75 12.69
N GLU B 61 -30.46 21.42 13.36
CA GLU B 61 -31.78 20.89 13.56
C GLU B 61 -32.35 20.75 12.18
N HIS B 62 -32.87 19.58 11.84
CA HIS B 62 -33.35 19.30 10.48
C HIS B 62 -34.33 18.14 10.52
N ALA B 63 -35.11 18.00 9.44
CA ALA B 63 -36.07 16.91 9.34
C ALA B 63 -35.42 15.54 9.62
N SER B 64 -34.19 15.36 9.16
CA SER B 64 -33.48 14.09 9.42
C SER B 64 -33.23 13.85 10.91
N VAL B 65 -33.02 14.92 11.69
CA VAL B 65 -32.83 14.75 13.13
C VAL B 65 -34.16 14.34 13.78
N THR B 66 -35.22 15.03 13.37
CA THR B 66 -36.57 14.59 13.75
C THR B 66 -36.83 13.13 13.37
N GLU B 67 -36.44 12.72 12.17
CA GLU B 67 -36.61 11.31 11.78
C GLU B 67 -35.89 10.41 12.76
N LEU B 68 -34.64 10.75 13.07
CA LEU B 68 -33.85 9.96 14.04
C LEU B 68 -34.42 9.93 15.45
N ARG B 69 -34.89 11.08 15.94
CA ARG B 69 -35.51 11.09 17.25
C ARG B 69 -36.78 10.22 17.26
N GLN B 70 -37.58 10.35 16.23
CA GLN B 70 -38.81 9.52 16.13
C GLN B 70 -38.49 8.01 16.03
N ALA B 71 -37.33 7.68 15.49
CA ALA B 71 -36.94 6.26 15.34
C ALA B 71 -36.30 5.71 16.62
N GLY B 72 -35.99 6.57 17.58
CA GLY B 72 -35.44 6.08 18.84
C GLY B 72 -34.01 6.52 19.16
N ALA B 73 -33.40 7.34 18.31
CA ALA B 73 -32.03 7.81 18.57
C ALA B 73 -32.04 8.91 19.64
N VAL B 74 -31.03 8.92 20.48
CA VAL B 74 -30.76 10.06 21.35
C VAL B 74 -29.93 11.07 20.55
N ALA B 75 -30.45 12.30 20.44
CA ALA B 75 -29.86 13.37 19.59
C ALA B 75 -29.12 14.35 20.47
N LEU B 76 -27.78 14.37 20.36
CA LEU B 76 -26.91 15.29 21.06
C LEU B 76 -26.30 16.30 20.08
N TYR B 77 -26.41 17.57 20.42
CA TYR B 77 -25.74 18.59 19.62
C TYR B 77 -24.21 18.37 19.65
N GLY B 78 -23.59 18.54 18.48
CA GLY B 78 -22.12 18.38 18.38
C GLY B 78 -21.58 19.23 17.27
N ASP B 79 -20.86 20.27 17.64
CA ASP B 79 -20.18 21.15 16.70
C ASP B 79 -18.71 20.75 16.77
N PHE B 80 -18.25 20.00 15.77
CA PHE B 80 -16.85 19.52 15.77
C PHE B 80 -15.87 20.43 15.03
N SER B 81 -16.28 21.67 14.77
CA SER B 81 -15.47 22.68 14.05
C SER B 81 -14.33 23.25 14.87
N CYS B 82 -14.31 23.07 16.17
CA CYS B 82 -13.28 23.59 17.03
C CYS B 82 -13.15 22.75 18.26
N GLU B 83 -12.00 22.82 18.90
CA GLU B 83 -11.73 22.06 20.13
C GLU B 83 -12.82 22.25 21.19
N THR B 84 -13.26 23.48 21.41
CA THR B 84 -14.23 23.70 22.46
C THR B 84 -15.57 23.02 22.20
N GLY B 85 -16.00 22.99 20.93
CA GLY B 85 -17.22 22.29 20.53
C GLY B 85 -17.06 20.80 20.71
N ILE B 86 -15.88 20.29 20.39
CA ILE B 86 -15.65 18.82 20.53
C ILE B 86 -15.74 18.48 22.03
N MSE B 87 -15.07 19.26 22.88
CA MSE B 87 -15.06 18.96 24.32
C MSE B 87 -16.47 19.15 24.92
O MSE B 87 -16.92 18.33 25.75
CB MSE B 87 -14.03 19.80 25.05
CG MSE B 87 -12.56 19.60 24.57
SE MSE B 87 -12.07 17.74 24.75
CE MSE B 87 -12.17 17.55 26.67
N ALA B 88 -17.20 20.14 24.46
CA ALA B 88 -18.58 20.29 24.93
C ALA B 88 -19.43 19.06 24.59
N PHE B 89 -19.24 18.54 23.38
CA PHE B 89 -19.94 17.29 22.99
C PHE B 89 -19.56 16.06 23.85
N ILE B 90 -18.27 15.94 24.09
CA ILE B 90 -17.76 14.86 24.95
C ILE B 90 -18.39 14.93 26.33
N ASP B 91 -18.45 16.13 26.88
CA ASP B 91 -19.06 16.31 28.22
C ASP B 91 -20.54 15.88 28.18
N LEU B 92 -21.25 16.27 27.11
CA LEU B 92 -22.63 15.91 26.95
C LEU B 92 -22.81 14.40 26.81
N LEU B 93 -21.97 13.77 26.00
CA LEU B 93 -21.99 12.32 25.83
C LEU B 93 -21.81 11.59 27.14
N LYS B 94 -20.84 12.03 27.96
CA LYS B 94 -20.56 11.34 29.24
C LYS B 94 -21.71 11.51 30.23
N THR B 95 -22.48 12.58 30.12
CA THR B 95 -23.62 12.67 31.00
C THR B 95 -24.66 11.64 30.58
N GLN B 96 -24.72 11.36 29.28
CA GLN B 96 -25.72 10.51 28.69
C GLN B 96 -25.52 9.01 28.95
N THR B 97 -24.27 8.55 28.99
CA THR B 97 -23.96 7.12 29.08
C THR B 97 -22.61 6.86 29.74
N SER B 98 -22.51 5.76 30.50
CA SER B 98 -21.21 5.31 31.00
C SER B 98 -20.59 4.13 30.22
N SER B 99 -21.26 3.69 29.15
CA SER B 99 -20.71 2.59 28.29
C SER B 99 -21.11 2.84 26.86
N LEU B 100 -20.27 2.36 25.95
CA LEU B 100 -20.50 2.45 24.50
C LEU B 100 -20.16 1.11 23.90
N ARG B 101 -21.07 0.60 23.06
CA ARG B 101 -20.80 -0.57 22.24
C ARG B 101 -19.83 -0.19 21.11
N ALA B 102 -20.03 0.99 20.52
CA ALA B 102 -19.18 1.41 19.39
C ALA B 102 -19.28 2.92 19.20
N VAL B 103 -18.27 3.48 18.56
CA VAL B 103 -18.30 4.82 18.06
C VAL B 103 -18.01 4.75 16.56
N VAL B 104 -18.94 5.27 15.78
CA VAL B 104 -18.78 5.36 14.37
C VAL B 104 -18.59 6.85 14.02
N HIS B 105 -17.37 7.20 13.60
CA HIS B 105 -17.03 8.57 13.22
C HIS B 105 -17.45 8.79 11.80
N ASN B 106 -18.66 9.30 11.64
CA ASN B 106 -19.24 9.57 10.32
C ASN B 106 -19.24 11.06 9.97
N ALA B 107 -19.14 11.95 10.95
CA ALA B 107 -19.23 13.40 10.72
C ALA B 107 -18.20 13.79 9.67
N SER B 108 -18.63 14.58 8.70
CA SER B 108 -17.81 14.93 7.56
C SER B 108 -18.19 16.31 7.07
N GLU B 109 -17.20 17.10 6.68
CA GLU B 109 -17.50 18.39 6.12
C GLU B 109 -16.61 18.62 4.93
N TRP B 110 -17.23 18.82 3.77
CA TRP B 110 -16.51 19.11 2.59
C TRP B 110 -16.67 20.61 2.35
N LEU B 111 -15.57 21.31 2.14
CA LEU B 111 -15.60 22.75 1.90
C LEU B 111 -14.78 23.06 0.65
N ALA B 112 -15.23 24.07 -0.10
CA ALA B 112 -14.47 24.57 -1.24
C ALA B 112 -13.20 25.26 -0.73
N GLU B 113 -12.17 25.26 -1.56
CA GLU B 113 -10.93 25.99 -1.26
C GLU B 113 -11.09 27.42 -1.77
N THR B 114 -12.02 28.12 -1.15
CA THR B 114 -12.37 29.48 -1.53
C THR B 114 -11.21 30.43 -1.28
N PRO B 115 -10.82 31.25 -2.27
CA PRO B 115 -9.69 32.15 -2.07
C PRO B 115 -9.84 33.07 -0.90
N GLY B 116 -8.78 33.19 -0.09
CA GLY B 116 -8.83 33.94 1.15
C GLY B 116 -9.40 33.16 2.34
N GLU B 117 -9.98 31.98 2.10
CA GLU B 117 -10.56 31.19 3.18
C GLU B 117 -9.94 29.79 3.28
N GLU B 118 -8.84 29.56 2.56
CA GLU B 118 -8.26 28.21 2.49
C GLU B 118 -7.82 27.70 3.88
N ALA B 119 -7.17 28.56 4.67
CA ALA B 119 -6.62 28.18 5.97
C ALA B 119 -7.78 27.87 6.88
N ASP B 120 -8.77 28.75 6.86
CA ASP B 120 -9.97 28.54 7.72
C ASP B 120 -10.66 27.21 7.45
N ASN B 121 -10.87 26.95 6.17
CA ASN B 121 -11.53 25.74 5.73
C ASN B 121 -10.71 24.48 6.00
N PHE B 122 -9.40 24.51 5.79
CA PHE B 122 -8.54 23.38 6.07
C PHE B 122 -8.55 23.09 7.57
N THR B 123 -8.47 24.12 8.42
CA THR B 123 -8.53 23.97 9.86
C THR B 123 -9.86 23.39 10.30
N ARG B 124 -10.96 23.84 9.69
CA ARG B 124 -12.27 23.31 10.04
CA ARG B 124 -12.28 23.31 10.03
C ARG B 124 -12.38 21.82 9.68
N MSE B 125 -11.90 21.46 8.50
CA MSE B 125 -11.86 20.04 8.10
C MSE B 125 -10.95 19.18 8.94
O MSE B 125 -11.24 17.99 9.24
CB MSE B 125 -11.59 19.93 6.60
CG MSE B 125 -12.78 20.43 5.79
SE MSE B 125 -12.64 20.20 3.92
CE MSE B 125 -11.25 21.42 3.51
N PHE B 126 -9.81 19.74 9.37
CA PHE B 126 -8.95 19.07 10.30
C PHE B 126 -9.71 18.79 11.62
N SER B 127 -10.46 19.80 12.10
CA SER B 127 -11.20 19.70 13.34
C SER B 127 -12.28 18.61 13.28
N VAL B 128 -13.01 18.57 12.20
CA VAL B 128 -14.09 17.62 12.03
C VAL B 128 -13.56 16.19 11.83
N HIS B 129 -12.54 16.05 10.94
CA HIS B 129 -12.10 14.76 10.47
C HIS B 129 -11.02 14.12 11.31
N MSE B 130 -10.21 14.96 11.97
CA MSE B 130 -9.05 14.45 12.68
C MSE B 130 -9.12 14.76 14.18
O MSE B 130 -9.01 13.84 14.98
CB MSE B 130 -7.73 14.92 12.08
CG MSE B 130 -7.48 14.37 10.71
SE MSE B 130 -6.03 15.31 9.74
CE MSE B 130 -4.57 15.10 11.02
N LEU B 131 -9.31 16.03 14.54
CA LEU B 131 -9.31 16.41 15.95
C LEU B 131 -10.44 15.75 16.73
N ALA B 132 -11.62 15.74 16.14
CA ALA B 132 -12.77 15.22 16.81
C ALA B 132 -12.68 13.72 17.02
N PRO B 133 -12.32 12.92 15.97
CA PRO B 133 -12.16 11.51 16.28
C PRO B 133 -11.06 11.19 17.28
N TYR B 134 -9.96 11.92 17.19
CA TYR B 134 -8.88 11.69 18.16
C TYR B 134 -9.33 11.96 19.59
N LEU B 135 -9.93 13.13 19.83
CA LEU B 135 -10.33 13.50 21.18
C LEU B 135 -11.45 12.58 21.75
N ILE B 136 -12.42 12.29 20.87
CA ILE B 136 -13.53 11.40 21.28
C ILE B 136 -13.00 10.04 21.60
N ASN B 137 -12.14 9.50 20.74
CA ASN B 137 -11.56 8.21 21.04
C ASN B 137 -10.78 8.18 22.35
N LEU B 138 -9.95 9.18 22.56
CA LEU B 138 -9.14 9.28 23.77
C LEU B 138 -10.01 9.37 25.03
N HIS B 139 -10.98 10.26 24.99
CA HIS B 139 -11.86 10.49 26.14
C HIS B 139 -12.87 9.41 26.32
N CYS B 140 -13.26 8.72 25.25
CA CYS B 140 -14.28 7.66 25.33
C CYS B 140 -13.78 6.23 25.49
N GLU B 141 -12.46 6.05 25.52
CA GLU B 141 -11.91 4.73 25.74
C GLU B 141 -12.56 3.99 26.93
N PRO B 142 -12.64 4.63 28.11
CA PRO B 142 -13.23 3.90 29.27
C PRO B 142 -14.69 3.51 29.06
N LEU B 143 -15.43 4.29 28.27
CA LEU B 143 -16.82 3.93 27.96
C LEU B 143 -16.87 2.65 27.09
N LEU B 144 -15.97 2.56 26.14
CA LEU B 144 -15.90 1.42 25.24
C LEU B 144 -15.43 0.14 25.94
N THR B 145 -14.46 0.25 26.85
CA THR B 145 -13.96 -0.93 27.57
C THR B 145 -14.92 -1.40 28.68
N ALA B 146 -15.96 -0.61 28.98
CA ALA B 146 -17.07 -1.05 29.82
C ALA B 146 -17.98 -1.97 29.02
N SER B 147 -17.72 -2.11 27.73
CA SER B 147 -18.53 -3.02 26.91
C SER B 147 -17.67 -4.24 26.57
N GLU B 148 -18.29 -5.42 26.61
CA GLU B 148 -17.56 -6.67 26.35
CA GLU B 148 -17.63 -6.71 26.34
C GLU B 148 -16.99 -6.79 24.94
N VAL B 149 -17.70 -6.25 23.96
CA VAL B 149 -17.26 -6.17 22.59
C VAL B 149 -17.34 -4.69 22.28
N ALA B 150 -16.24 -4.12 21.79
CA ALA B 150 -16.19 -2.68 21.56
C ALA B 150 -15.49 -2.41 20.22
N ASP B 151 -15.98 -1.43 19.50
CA ASP B 151 -15.47 -1.08 18.20
C ASP B 151 -15.41 0.45 18.03
N ILE B 152 -14.42 0.92 17.30
CA ILE B 152 -14.39 2.25 16.65
C ILE B 152 -14.32 2.05 15.16
N VAL B 153 -15.14 2.77 14.43
CA VAL B 153 -15.09 2.72 12.98
C VAL B 153 -14.94 4.15 12.48
N HIS B 154 -13.92 4.40 11.70
CA HIS B 154 -13.71 5.70 11.10
C HIS B 154 -14.20 5.69 9.66
N ILE B 155 -15.16 6.56 9.34
CA ILE B 155 -15.62 6.68 7.94
C ILE B 155 -14.86 7.79 7.22
N SER B 156 -14.01 7.43 6.27
CA SER B 156 -13.19 8.39 5.57
C SER B 156 -13.72 8.68 4.19
N ASP B 157 -12.93 8.48 3.14
CA ASP B 157 -13.35 8.75 1.77
C ASP B 157 -12.31 8.05 0.90
N ASP B 158 -12.75 7.33 -0.11
CA ASP B 158 -11.84 6.64 -1.04
C ASP B 158 -10.93 7.58 -1.88
N VAL B 159 -11.22 8.88 -1.86
CA VAL B 159 -10.37 9.87 -2.53
C VAL B 159 -8.90 9.80 -2.02
N THR B 160 -8.67 9.30 -0.83
CA THR B 160 -7.29 9.25 -0.29
C THR B 160 -6.35 8.34 -1.05
N ARG B 161 -6.85 7.33 -1.76
CA ARG B 161 -6.01 6.41 -2.52
CA ARG B 161 -5.95 6.41 -2.49
C ARG B 161 -5.14 7.18 -3.53
N LYS B 162 -5.78 8.03 -4.28
CA LYS B 162 -5.18 8.78 -5.39
C LYS B 162 -4.75 10.20 -5.08
N GLY B 163 -5.27 10.78 -4.01
CA GLY B 163 -5.17 12.26 -3.86
C GLY B 163 -6.20 12.97 -4.73
N SER B 164 -6.22 14.29 -4.63
CA SER B 164 -7.21 15.10 -5.33
C SER B 164 -6.62 16.42 -5.70
N SER B 165 -6.48 16.66 -7.00
CA SER B 165 -6.02 17.92 -7.48
C SER B 165 -6.95 19.00 -6.96
N LYS B 166 -8.25 18.76 -7.03
CA LYS B 166 -9.23 19.82 -6.67
C LYS B 166 -9.37 20.00 -5.15
N HIS B 167 -9.49 18.90 -4.45
CA HIS B 167 -9.90 18.89 -3.06
C HIS B 167 -8.70 18.47 -2.15
N ILE B 168 -7.64 19.27 -2.21
CA ILE B 168 -6.36 18.97 -1.55
C ILE B 168 -6.50 18.86 -0.07
N ALA B 169 -7.04 19.93 0.52
CA ALA B 169 -7.19 20.02 1.95
C ALA B 169 -8.17 18.94 2.51
N TYR B 170 -9.33 18.78 1.87
CA TYR B 170 -10.24 17.78 2.23
C TYR B 170 -9.60 16.41 2.24
N CYS B 171 -8.97 16.07 1.14
CA CYS B 171 -8.32 14.80 1.01
C CYS B 171 -7.25 14.55 2.10
N ALA B 172 -6.41 15.54 2.38
CA ALA B 172 -5.35 15.42 3.40
C ALA B 172 -5.95 15.14 4.78
N THR B 173 -7.10 15.79 5.07
CA THR B 173 -7.73 15.55 6.39
C THR B 173 -8.35 14.15 6.50
N LYS B 174 -8.84 13.61 5.38
CA LYS B 174 -9.36 12.24 5.36
C LYS B 174 -8.21 11.23 5.47
N ALA B 175 -7.05 11.56 4.89
CA ALA B 175 -5.85 10.73 5.02
C ALA B 175 -5.36 10.66 6.46
N GLY B 176 -5.37 11.80 7.16
CA GLY B 176 -5.07 11.90 8.60
C GLY B 176 -5.99 11.00 9.40
N LEU B 177 -7.28 11.03 9.09
CA LEU B 177 -8.26 10.14 9.74
C LEU B 177 -7.91 8.65 9.56
N GLU B 178 -7.55 8.25 8.33
CA GLU B 178 -7.12 6.84 8.10
C GLU B 178 -5.88 6.42 8.86
N SER B 179 -4.97 7.39 9.15
CA SER B 179 -3.85 7.13 10.04
C SER B 179 -4.29 6.81 11.47
N LEU B 180 -5.32 7.52 11.94
CA LEU B 180 -5.85 7.25 13.28
C LEU B 180 -6.36 5.84 13.43
N THR B 181 -6.86 5.25 12.36
CA THR B 181 -7.25 3.86 12.40
C THR B 181 -6.11 2.95 12.82
N LEU B 182 -4.96 3.07 12.15
CA LEU B 182 -3.79 2.24 12.41
C LEU B 182 -3.32 2.48 13.85
N SER B 183 -3.27 3.75 14.26
CA SER B 183 -2.68 4.10 15.56
C SER B 183 -3.56 3.75 16.74
N PHE B 184 -4.86 4.07 16.67
CA PHE B 184 -5.77 3.63 17.72
C PHE B 184 -5.99 2.11 17.74
N ALA B 185 -5.92 1.44 16.60
CA ALA B 185 -6.00 -0.05 16.62
C ALA B 185 -4.89 -0.59 17.47
N ALA B 186 -3.67 -0.04 17.32
CA ALA B 186 -2.55 -0.44 18.12
C ALA B 186 -2.71 -0.12 19.60
N ARG B 187 -3.08 1.13 19.91
CA ARG B 187 -3.17 1.55 21.31
C ARG B 187 -4.27 0.86 22.04
N PHE B 188 -5.44 0.70 21.39
CA PHE B 188 -6.61 0.20 22.08
C PHE B 188 -6.82 -1.31 22.05
N ALA B 189 -6.02 -2.03 21.27
CA ALA B 189 -6.05 -3.47 21.31
C ALA B 189 -5.61 -3.92 22.72
N PRO B 190 -6.12 -5.06 23.20
CA PRO B 190 -7.01 -6.01 22.57
C PRO B 190 -8.48 -5.71 22.82
N LEU B 191 -8.77 -4.76 23.67
CA LEU B 191 -10.14 -4.59 24.11
C LEU B 191 -11.08 -3.88 23.12
N VAL B 192 -10.52 -3.05 22.25
CA VAL B 192 -11.31 -2.34 21.30
C VAL B 192 -10.75 -2.56 19.90
N LYS B 193 -11.63 -2.94 18.97
CA LYS B 193 -11.22 -3.10 17.58
C LYS B 193 -11.40 -1.76 16.90
N VAL B 194 -10.47 -1.38 16.03
CA VAL B 194 -10.53 -0.08 15.37
C VAL B 194 -10.31 -0.30 13.86
N ASN B 195 -11.30 0.11 13.07
CA ASN B 195 -11.28 -0.09 11.61
C ASN B 195 -11.87 1.09 10.88
N GLY B 196 -11.72 1.10 9.57
CA GLY B 196 -12.25 2.16 8.73
C GLY B 196 -13.13 1.62 7.60
N ILE B 197 -13.99 2.51 7.11
CA ILE B 197 -14.69 2.35 5.84
C ILE B 197 -14.35 3.59 5.01
N ALA B 198 -13.91 3.34 3.77
CA ALA B 198 -13.57 4.39 2.84
C ALA B 198 -14.53 4.34 1.64
N PRO B 199 -15.66 5.04 1.74
CA PRO B 199 -16.59 5.05 0.62
C PRO B 199 -16.19 6.07 -0.44
N ALA B 200 -16.62 5.84 -1.69
CA ALA B 200 -16.47 6.85 -2.73
C ALA B 200 -17.62 7.81 -2.48
N LEU B 201 -17.42 8.76 -1.58
CA LEU B 201 -18.51 9.59 -1.07
C LEU B 201 -19.18 10.37 -2.17
N LEU B 202 -18.40 10.90 -3.12
CA LEU B 202 -18.97 11.51 -4.34
C LEU B 202 -20.26 10.80 -4.83
N MSE B 203 -20.29 9.47 -4.69
CA MSE B 203 -21.31 8.64 -5.29
C MSE B 203 -22.55 8.46 -4.44
O MSE B 203 -23.55 7.96 -4.98
CB MSE B 203 -20.72 7.25 -5.55
CG MSE B 203 -19.49 7.27 -6.43
SE MSE B 203 -19.93 7.73 -8.26
CE MSE B 203 -18.49 6.69 -9.14
N LEU B 217 -20.54 7.61 -11.80
CA LEU B 217 -21.20 6.35 -12.14
C LEU B 217 -20.39 5.59 -13.22
N ALA B 218 -20.19 6.21 -14.39
CA ALA B 218 -19.38 5.60 -15.47
C ALA B 218 -17.88 5.45 -15.13
N LYS B 219 -17.43 6.11 -14.05
CA LYS B 219 -16.03 6.07 -13.60
C LYS B 219 -15.73 4.88 -12.66
N SER B 220 -16.76 4.19 -12.19
CA SER B 220 -16.55 2.93 -11.46
C SER B 220 -16.69 1.72 -12.41
N ALA B 221 -16.14 0.60 -11.95
CA ALA B 221 -16.10 -0.63 -12.73
C ALA B 221 -17.51 -1.23 -12.82
N LEU B 222 -18.22 -1.25 -11.69
CA LEU B 222 -19.52 -1.91 -11.59
C LEU B 222 -20.62 -1.09 -12.27
N GLY B 223 -20.40 0.23 -12.34
CA GLY B 223 -21.28 1.12 -13.11
C GLY B 223 -22.71 1.23 -12.58
N ILE B 224 -22.92 0.85 -11.32
CA ILE B 224 -24.25 0.97 -10.70
C ILE B 224 -24.24 2.04 -9.60
N GLU B 225 -25.44 2.51 -9.27
CA GLU B 225 -25.60 3.54 -8.25
C GLU B 225 -25.84 2.86 -6.91
N PRO B 226 -24.88 3.00 -5.99
CA PRO B 226 -25.01 2.31 -4.71
C PRO B 226 -25.99 3.03 -3.79
N GLY B 227 -26.71 2.30 -2.95
CA GLY B 227 -27.42 2.90 -1.83
C GLY B 227 -26.45 2.95 -0.64
N ALA B 228 -26.77 3.75 0.38
CA ALA B 228 -26.05 3.78 1.66
C ALA B 228 -26.05 2.40 2.34
N GLU B 229 -26.93 1.50 1.91
CA GLU B 229 -26.99 0.14 2.47
C GLU B 229 -25.66 -0.58 2.39
N VAL B 230 -24.92 -0.29 1.32
CA VAL B 230 -23.60 -0.88 1.18
CA VAL B 230 -23.59 -0.83 1.15
C VAL B 230 -22.69 -0.45 2.34
N ILE B 231 -22.82 0.77 2.83
CA ILE B 231 -21.97 1.19 3.95
C ILE B 231 -22.40 0.49 5.25
N TYR B 232 -23.71 0.33 5.44
CA TYR B 232 -24.24 -0.37 6.59
C TYR B 232 -23.76 -1.81 6.61
N GLN B 233 -23.75 -2.47 5.45
CA GLN B 233 -23.25 -3.84 5.46
CA GLN B 233 -23.21 -3.85 5.31
C GLN B 233 -21.78 -3.90 5.81
N SER B 234 -20.99 -2.89 5.39
CA SER B 234 -19.58 -2.79 5.81
C SER B 234 -19.48 -2.62 7.33
N LEU B 235 -20.29 -1.72 7.87
CA LEU B 235 -20.29 -1.53 9.30
C LEU B 235 -20.65 -2.78 10.06
N ARG B 236 -21.70 -3.49 9.64
CA ARG B 236 -22.09 -4.76 10.30
C ARG B 236 -20.96 -5.79 10.27
N TYR B 237 -20.29 -5.92 9.11
CA TYR B 237 -19.14 -6.83 9.02
C TYR B 237 -18.08 -6.51 10.08
N LEU B 238 -17.76 -5.23 10.22
CA LEU B 238 -16.73 -4.84 11.18
C LEU B 238 -17.21 -5.03 12.62
N LEU B 239 -18.43 -4.62 12.92
CA LEU B 239 -18.94 -4.73 14.29
C LEU B 239 -19.00 -6.18 14.74
N ASP B 240 -19.43 -7.05 13.86
CA ASP B 240 -19.69 -8.47 14.19
C ASP B 240 -18.42 -9.31 14.12
N SER B 241 -17.35 -8.76 13.57
CA SER B 241 -16.12 -9.54 13.52
C SER B 241 -15.48 -9.61 14.90
N THR B 242 -14.66 -10.63 15.09
CA THR B 242 -13.91 -10.79 16.30
C THR B 242 -12.39 -10.69 16.06
N TYR B 243 -11.94 -10.78 14.80
CA TYR B 243 -10.53 -10.93 14.51
C TYR B 243 -9.97 -9.87 13.54
N VAL B 244 -10.73 -8.80 13.33
CA VAL B 244 -10.38 -7.81 12.37
C VAL B 244 -10.16 -6.47 13.12
N THR B 245 -8.95 -5.93 12.99
CA THR B 245 -8.59 -4.60 13.52
C THR B 245 -7.46 -3.99 12.69
N GLY B 246 -7.43 -2.68 12.64
CA GLY B 246 -6.46 -1.93 11.88
C GLY B 246 -6.70 -1.87 10.40
N THR B 247 -7.87 -2.31 9.94
CA THR B 247 -8.14 -2.43 8.50
C THR B 247 -9.11 -1.33 8.02
N THR B 248 -9.13 -1.13 6.70
CA THR B 248 -10.01 -0.16 6.12
C THR B 248 -10.71 -0.83 4.92
N LEU B 249 -12.03 -0.82 4.91
CA LEU B 249 -12.82 -1.36 3.79
C LEU B 249 -13.04 -0.31 2.72
N THR B 250 -12.66 -0.65 1.49
CA THR B 250 -12.88 0.19 0.36
C THR B 250 -14.24 -0.16 -0.22
N VAL B 251 -15.07 0.87 -0.39
CA VAL B 251 -16.43 0.67 -0.94
C VAL B 251 -16.58 1.68 -2.08
N ASN B 252 -16.18 1.25 -3.28
CA ASN B 252 -16.04 2.21 -4.36
C ASN B 252 -16.38 1.69 -5.75
N GLY B 253 -17.11 0.59 -5.82
CA GLY B 253 -17.49 -0.05 -7.12
C GLY B 253 -16.35 -0.35 -8.09
N GLY B 254 -15.15 -0.58 -7.55
CA GLY B 254 -13.98 -0.82 -8.41
C GLY B 254 -13.43 0.40 -9.13
N ARG B 255 -13.71 1.60 -8.59
CA ARG B 255 -13.23 2.81 -9.22
C ARG B 255 -11.70 2.74 -9.48
N HIS B 256 -10.97 2.17 -8.53
CA HIS B 256 -9.52 2.03 -8.66
C HIS B 256 -9.03 1.05 -9.73
N VAL B 257 -9.90 0.20 -10.25
CA VAL B 257 -9.51 -0.71 -11.34
C VAL B 257 -10.04 -0.23 -12.68
N LYS B 258 -10.96 0.74 -12.62
CA LYS B 258 -11.49 1.40 -13.81
C LYS B 258 -10.48 2.46 -14.27
N SER C 27 -29.80 -20.82 -7.22
CA SER C 27 -29.58 -22.27 -7.54
C SER C 27 -28.28 -22.58 -8.29
N ALA C 28 -27.48 -21.54 -8.63
CA ALA C 28 -26.23 -21.82 -9.31
C ALA C 28 -25.23 -22.17 -8.23
N PRO C 29 -24.43 -23.20 -8.46
CA PRO C 29 -23.50 -23.65 -7.39
C PRO C 29 -22.27 -22.71 -7.18
N ILE C 30 -21.75 -22.73 -5.95
CA ILE C 30 -20.45 -22.12 -5.58
C ILE C 30 -19.40 -23.18 -5.62
N LEU C 31 -18.34 -22.91 -6.37
CA LEU C 31 -17.15 -23.75 -6.38
C LEU C 31 -16.16 -23.27 -5.31
N ILE C 32 -15.72 -24.17 -4.44
CA ILE C 32 -14.58 -23.90 -3.52
C ILE C 32 -13.50 -24.89 -3.82
N THR C 33 -12.35 -24.42 -4.28
CA THR C 33 -11.25 -25.30 -4.59
C THR C 33 -10.49 -25.65 -3.34
N GLY C 34 -9.87 -26.82 -3.34
CA GLY C 34 -9.02 -27.26 -2.23
C GLY C 34 -9.75 -27.42 -0.90
N ALA C 35 -10.98 -27.94 -0.96
CA ALA C 35 -11.87 -27.88 0.20
C ALA C 35 -11.58 -28.93 1.28
N SER C 36 -10.56 -29.76 1.11
CA SER C 36 -10.03 -30.61 2.21
C SER C 36 -9.31 -29.81 3.25
N GLN C 37 -8.77 -28.68 2.83
CA GLN C 37 -8.04 -27.82 3.73
C GLN C 37 -9.01 -27.33 4.81
N ARG C 38 -8.48 -26.99 5.98
CA ARG C 38 -9.29 -26.59 7.13
CA ARG C 38 -9.32 -26.59 7.12
C ARG C 38 -10.25 -25.42 6.80
N VAL C 39 -9.72 -24.36 6.18
CA VAL C 39 -10.55 -23.19 5.91
C VAL C 39 -11.62 -23.54 4.85
N GLY C 40 -11.19 -24.16 3.75
CA GLY C 40 -12.11 -24.47 2.68
C GLY C 40 -13.22 -25.43 3.13
N LEU C 41 -12.84 -26.39 3.97
CA LEU C 41 -13.80 -27.38 4.50
C LEU C 41 -14.93 -26.66 5.27
N HIS C 42 -14.53 -25.80 6.19
CA HIS C 42 -15.48 -25.01 6.97
C HIS C 42 -16.36 -24.13 6.10
N CYS C 43 -15.76 -23.39 5.19
CA CYS C 43 -16.56 -22.54 4.30
C CYS C 43 -17.55 -23.34 3.46
N ALA C 44 -17.13 -24.48 2.92
CA ALA C 44 -18.03 -25.32 2.15
C ALA C 44 -19.21 -25.82 2.99
N LEU C 45 -18.92 -26.33 4.18
CA LEU C 45 -19.95 -26.79 5.08
C LEU C 45 -20.95 -25.69 5.46
N ARG C 46 -20.45 -24.48 5.76
CA ARG C 46 -21.31 -23.37 6.09
C ARG C 46 -22.15 -22.95 4.92
N LEU C 47 -21.58 -22.91 3.73
CA LEU C 47 -22.39 -22.57 2.57
C LEU C 47 -23.55 -23.56 2.35
N LEU C 48 -23.27 -24.83 2.54
CA LEU C 48 -24.27 -25.88 2.40
C LEU C 48 -25.35 -25.69 3.46
N GLU C 49 -24.89 -25.44 4.68
CA GLU C 49 -25.80 -25.13 5.79
C GLU C 49 -26.71 -23.91 5.46
N HIS C 50 -26.15 -22.88 4.82
CA HIS C 50 -26.84 -21.62 4.40
CA HIS C 50 -26.95 -21.70 4.51
C HIS C 50 -27.84 -21.86 3.27
N GLY C 51 -27.78 -23.02 2.64
CA GLY C 51 -28.68 -23.41 1.55
C GLY C 51 -28.13 -23.29 0.14
N HIS C 52 -26.85 -23.01 -0.03
CA HIS C 52 -26.26 -23.01 -1.38
C HIS C 52 -25.93 -24.40 -1.86
N ARG C 53 -25.94 -24.58 -3.15
CA ARG C 53 -25.32 -25.78 -3.75
CA ARG C 53 -25.34 -25.76 -3.78
C ARG C 53 -23.84 -25.51 -3.86
N VAL C 54 -23.06 -26.54 -3.57
CA VAL C 54 -21.61 -26.37 -3.50
C VAL C 54 -20.90 -27.47 -4.28
N ILE C 55 -19.90 -27.08 -5.06
CA ILE C 55 -18.99 -28.02 -5.74
C ILE C 55 -17.65 -27.76 -5.07
N ILE C 56 -16.92 -28.82 -4.74
CA ILE C 56 -15.59 -28.69 -4.22
C ILE C 56 -14.61 -29.42 -5.13
N SER C 57 -13.35 -28.99 -5.07
CA SER C 57 -12.26 -29.80 -5.59
C SER C 57 -11.44 -30.44 -4.45
N TYR C 58 -10.87 -31.58 -4.74
CA TYR C 58 -10.00 -32.22 -3.79
C TYR C 58 -8.92 -32.92 -4.59
N ARG C 59 -7.81 -33.15 -3.90
CA ARG C 59 -6.56 -33.73 -4.42
CA ARG C 59 -6.65 -33.78 -4.53
C ARG C 59 -6.52 -35.24 -4.12
N THR C 60 -6.86 -35.57 -2.88
CA THR C 60 -6.81 -36.91 -2.32
C THR C 60 -8.09 -37.21 -1.55
N GLU C 61 -8.51 -38.47 -1.60
CA GLU C 61 -9.59 -38.94 -0.77
C GLU C 61 -9.20 -38.78 0.71
N HIS C 62 -10.13 -38.31 1.51
CA HIS C 62 -9.89 -38.02 2.90
C HIS C 62 -11.25 -38.01 3.55
N ALA C 63 -11.26 -38.26 4.86
CA ALA C 63 -12.49 -38.22 5.64
C ALA C 63 -13.25 -36.90 5.40
N SER C 64 -12.48 -35.83 5.18
CA SER C 64 -13.09 -34.50 5.00
C SER C 64 -13.87 -34.47 3.69
N VAL C 65 -13.42 -35.25 2.68
CA VAL C 65 -14.14 -35.33 1.39
C VAL C 65 -15.43 -36.10 1.60
N THR C 66 -15.37 -37.17 2.40
CA THR C 66 -16.55 -37.94 2.75
C THR C 66 -17.54 -37.07 3.47
N GLU C 67 -17.06 -36.27 4.41
CA GLU C 67 -17.93 -35.37 5.12
C GLU C 67 -18.65 -34.38 4.20
N LEU C 68 -17.90 -33.77 3.28
CA LEU C 68 -18.42 -32.85 2.30
C LEU C 68 -19.46 -33.52 1.41
N ARG C 69 -19.16 -34.72 0.92
CA ARG C 69 -20.16 -35.49 0.12
C ARG C 69 -21.44 -35.73 0.89
N GLN C 70 -21.28 -36.14 2.15
CA GLN C 70 -22.45 -36.41 3.03
C GLN C 70 -23.27 -35.18 3.33
N ALA C 71 -22.64 -34.02 3.33
CA ALA C 71 -23.36 -32.78 3.55
C ALA C 71 -23.99 -32.26 2.25
N GLY C 72 -23.68 -32.89 1.11
CA GLY C 72 -24.31 -32.49 -0.13
C GLY C 72 -23.42 -31.82 -1.19
N ALA C 73 -22.14 -31.62 -0.88
CA ALA C 73 -21.17 -31.12 -1.85
C ALA C 73 -21.03 -32.08 -3.03
N VAL C 74 -20.89 -31.52 -4.22
CA VAL C 74 -20.42 -32.27 -5.38
C VAL C 74 -18.87 -32.25 -5.34
N ALA C 75 -18.26 -33.42 -5.15
CA ALA C 75 -16.79 -33.50 -4.95
C ALA C 75 -16.12 -33.91 -6.22
N LEU C 76 -15.35 -32.99 -6.78
CA LEU C 76 -14.59 -33.22 -7.99
C LEU C 76 -13.07 -33.29 -7.77
N TYR C 77 -12.45 -34.31 -8.37
CA TYR C 77 -11.01 -34.40 -8.34
C TYR C 77 -10.40 -33.27 -9.13
N GLY C 78 -9.38 -32.65 -8.59
CA GLY C 78 -8.62 -31.64 -9.30
C GLY C 78 -7.18 -31.58 -8.84
N ASP C 79 -6.29 -31.68 -9.82
CA ASP C 79 -4.85 -31.63 -9.67
C ASP C 79 -4.37 -30.34 -10.27
N PHE C 80 -3.99 -29.39 -9.43
CA PHE C 80 -3.61 -28.07 -9.88
C PHE C 80 -2.09 -27.91 -10.02
N SER C 81 -1.36 -29.02 -10.03
CA SER C 81 0.13 -28.97 -10.13
C SER C 81 0.66 -28.66 -11.48
N CYS C 82 -0.14 -28.77 -12.53
CA CYS C 82 0.31 -28.39 -13.84
C CYS C 82 -0.86 -28.04 -14.73
N GLU C 83 -0.55 -27.46 -15.88
CA GLU C 83 -1.57 -27.09 -16.86
C GLU C 83 -2.49 -28.23 -17.21
N THR C 84 -1.93 -29.40 -17.48
CA THR C 84 -2.80 -30.52 -17.87
C THR C 84 -3.88 -30.82 -16.85
N GLY C 85 -3.48 -30.86 -15.58
CA GLY C 85 -4.41 -31.14 -14.51
C GLY C 85 -5.48 -30.04 -14.33
N ILE C 86 -5.04 -28.80 -14.45
CA ILE C 86 -5.95 -27.66 -14.33
C ILE C 86 -7.01 -27.70 -15.43
N MSE C 87 -6.57 -27.88 -16.66
CA MSE C 87 -7.48 -27.94 -17.80
C MSE C 87 -8.41 -29.16 -17.68
O MSE C 87 -9.59 -29.10 -18.07
CB MSE C 87 -6.70 -27.97 -19.12
CG MSE C 87 -5.82 -26.75 -19.43
SE MSE C 87 -6.92 -25.13 -19.37
CE MSE C 87 -8.41 -25.66 -20.43
N ALA C 88 -7.91 -30.26 -17.12
CA ALA C 88 -8.73 -31.45 -16.94
C ALA C 88 -9.81 -31.15 -15.91
N PHE C 89 -9.44 -30.44 -14.85
CA PHE C 89 -10.44 -30.03 -13.84
C PHE C 89 -11.51 -29.12 -14.48
N ILE C 90 -11.09 -28.13 -15.28
CA ILE C 90 -12.04 -27.21 -15.93
C ILE C 90 -13.01 -28.00 -16.83
N ASP C 91 -12.47 -28.91 -17.63
CA ASP C 91 -13.33 -29.78 -18.40
C ASP C 91 -14.31 -30.57 -17.55
N LEU C 92 -13.84 -31.15 -16.47
CA LEU C 92 -14.72 -31.88 -15.58
C LEU C 92 -15.84 -30.97 -15.02
N LEU C 93 -15.46 -29.79 -14.54
CA LEU C 93 -16.44 -28.82 -14.05
C LEU C 93 -17.49 -28.55 -15.10
N LYS C 94 -17.07 -28.39 -16.35
CA LYS C 94 -18.01 -28.08 -17.44
C LYS C 94 -18.96 -29.22 -17.74
N THR C 95 -18.56 -30.47 -17.41
CA THR C 95 -19.52 -31.58 -17.53
C THR C 95 -20.53 -31.60 -16.39
N GLN C 96 -20.25 -30.90 -15.29
CA GLN C 96 -21.07 -30.89 -14.11
C GLN C 96 -22.11 -29.74 -14.03
N THR C 97 -21.80 -28.57 -14.53
CA THR C 97 -22.69 -27.42 -14.36
C THR C 97 -22.58 -26.47 -15.52
N SER C 98 -23.72 -25.84 -15.86
CA SER C 98 -23.73 -24.78 -16.90
CA SER C 98 -23.80 -24.79 -16.89
C SER C 98 -23.64 -23.39 -16.28
N SER C 99 -23.61 -23.31 -14.94
CA SER C 99 -23.48 -22.00 -14.26
C SER C 99 -22.70 -22.09 -12.96
N LEU C 100 -22.18 -20.95 -12.54
CA LEU C 100 -21.59 -20.83 -11.23
C LEU C 100 -22.07 -19.53 -10.61
N ARG C 101 -22.48 -19.59 -9.38
CA ARG C 101 -22.68 -18.37 -8.58
C ARG C 101 -21.34 -17.69 -8.19
N ALA C 102 -20.32 -18.51 -7.88
CA ALA C 102 -19.04 -17.98 -7.47
C ALA C 102 -17.99 -19.02 -7.61
N VAL C 103 -16.75 -18.56 -7.74
CA VAL C 103 -15.58 -19.41 -7.59
C VAL C 103 -14.74 -18.84 -6.43
N VAL C 104 -14.43 -19.66 -5.43
CA VAL C 104 -13.59 -19.29 -4.31
C VAL C 104 -12.29 -20.13 -4.47
N HIS C 105 -11.23 -19.43 -4.85
CA HIS C 105 -9.90 -20.04 -5.03
C HIS C 105 -9.22 -20.13 -3.67
N ASN C 106 -9.42 -21.28 -3.06
CA ASN C 106 -8.92 -21.61 -1.75
C ASN C 106 -7.75 -22.60 -1.78
N ALA C 107 -7.64 -23.38 -2.86
CA ALA C 107 -6.54 -24.36 -2.95
C ALA C 107 -5.21 -23.67 -2.70
N SER C 108 -4.43 -24.27 -1.80
CA SER C 108 -3.19 -23.68 -1.40
C SER C 108 -2.18 -24.82 -1.11
N GLU C 109 -0.90 -24.57 -1.41
CA GLU C 109 0.15 -25.54 -1.18
C GLU C 109 1.34 -24.81 -0.58
N TRP C 110 1.72 -25.21 0.61
CA TRP C 110 2.87 -24.63 1.17
C TRP C 110 3.93 -25.71 1.11
N LEU C 111 5.08 -25.34 0.62
CA LEU C 111 6.17 -26.26 0.55
C LEU C 111 7.41 -25.62 1.17
N ALA C 112 8.29 -26.48 1.69
CA ALA C 112 9.55 -26.02 2.25
C ALA C 112 10.52 -25.73 1.10
N GLU C 113 11.44 -24.80 1.34
CA GLU C 113 12.50 -24.49 0.39
CA GLU C 113 12.53 -24.47 0.43
C GLU C 113 13.65 -25.50 0.52
N THR C 114 13.33 -26.76 0.25
CA THR C 114 14.27 -27.89 0.35
C THR C 114 15.42 -27.80 -0.65
N PRO C 115 16.67 -27.91 -0.16
CA PRO C 115 17.82 -27.72 -1.08
C PRO C 115 17.80 -28.69 -2.25
N GLY C 116 17.97 -28.17 -3.46
CA GLY C 116 17.82 -28.95 -4.67
C GLY C 116 16.40 -29.13 -5.19
N GLU C 117 15.40 -28.71 -4.43
CA GLU C 117 14.01 -28.77 -4.88
C GLU C 117 13.38 -27.38 -4.94
N GLU C 118 14.19 -26.33 -4.84
CA GLU C 118 13.61 -24.98 -4.74
C GLU C 118 12.82 -24.63 -5.97
N ALA C 119 13.40 -24.90 -7.14
CA ALA C 119 12.74 -24.56 -8.38
C ALA C 119 11.46 -25.35 -8.55
N ASP C 120 11.54 -26.67 -8.28
CA ASP C 120 10.36 -27.54 -8.35
C ASP C 120 9.22 -27.03 -7.47
N ASN C 121 9.57 -26.70 -6.24
CA ASN C 121 8.56 -26.27 -5.29
C ASN C 121 7.96 -24.90 -5.68
N PHE C 122 8.81 -23.94 -6.10
CA PHE C 122 8.34 -22.63 -6.54
C PHE C 122 7.40 -22.80 -7.75
N THR C 123 7.77 -23.64 -8.72
CA THR C 123 6.90 -23.91 -9.86
C THR C 123 5.56 -24.54 -9.42
N ARG C 124 5.61 -25.44 -8.45
CA ARG C 124 4.41 -26.10 -8.02
C ARG C 124 3.46 -25.09 -7.37
N MSE C 125 4.02 -24.22 -6.52
CA MSE C 125 3.21 -23.18 -5.86
C MSE C 125 2.70 -22.14 -6.83
O MSE C 125 1.58 -21.65 -6.67
CB MSE C 125 3.96 -22.59 -4.66
CG MSE C 125 4.11 -23.60 -3.54
SE MSE C 125 4.97 -22.88 -1.99
CE MSE C 125 6.70 -22.65 -2.74
N PHE C 126 3.47 -21.81 -7.83
CA PHE C 126 3.00 -21.01 -8.94
C PHE C 126 1.80 -21.66 -9.65
N SER C 127 1.90 -22.96 -9.93
CA SER C 127 0.80 -23.68 -10.55
CA SER C 127 0.78 -23.69 -10.56
C SER C 127 -0.53 -23.64 -9.75
N VAL C 128 -0.45 -23.88 -8.43
CA VAL C 128 -1.63 -23.93 -7.57
C VAL C 128 -2.19 -22.54 -7.27
N HIS C 129 -1.29 -21.60 -6.96
CA HIS C 129 -1.73 -20.26 -6.54
C HIS C 129 -1.98 -19.25 -7.65
N MSE C 130 -1.31 -19.39 -8.81
CA MSE C 130 -1.40 -18.37 -9.86
C MSE C 130 -1.93 -18.96 -11.14
O MSE C 130 -2.94 -18.48 -11.63
CB MSE C 130 -0.04 -17.72 -10.11
CG MSE C 130 0.42 -16.81 -8.97
SE MSE C 130 2.24 -16.26 -9.04
CE MSE C 130 2.24 -15.45 -10.81
N LEU C 131 -1.32 -20.04 -11.63
CA LEU C 131 -1.76 -20.63 -12.89
C LEU C 131 -3.20 -21.16 -12.81
N ALA C 132 -3.54 -21.88 -11.74
CA ALA C 132 -4.87 -22.40 -11.57
C ALA C 132 -5.99 -21.36 -11.50
N PRO C 133 -5.85 -20.33 -10.68
CA PRO C 133 -6.92 -19.33 -10.65
C PRO C 133 -7.01 -18.56 -11.94
N TYR C 134 -5.86 -18.27 -12.56
CA TYR C 134 -5.87 -17.64 -13.90
C TYR C 134 -6.67 -18.45 -14.97
N LEU C 135 -6.34 -19.71 -15.18
CA LEU C 135 -6.98 -20.50 -16.20
C LEU C 135 -8.45 -20.78 -15.84
N ILE C 136 -8.70 -21.06 -14.57
CA ILE C 136 -10.07 -21.25 -14.13
C ILE C 136 -10.95 -20.02 -14.37
N ASN C 137 -10.41 -18.85 -13.98
CA ASN C 137 -11.16 -17.63 -14.21
C ASN C 137 -11.39 -17.38 -15.69
N LEU C 138 -10.34 -17.55 -16.51
CA LEU C 138 -10.42 -17.26 -17.92
C LEU C 138 -11.45 -18.18 -18.58
N HIS C 139 -11.39 -19.47 -18.27
CA HIS C 139 -12.23 -20.46 -18.95
C HIS C 139 -13.61 -20.63 -18.35
N CYS C 140 -13.83 -20.16 -17.12
CA CYS C 140 -15.11 -20.31 -16.45
C CYS C 140 -15.90 -19.01 -16.33
N GLU C 141 -15.38 -17.93 -16.88
CA GLU C 141 -16.12 -16.69 -16.92
CA GLU C 141 -16.12 -16.69 -16.91
C GLU C 141 -17.54 -16.90 -17.48
N PRO C 142 -17.70 -17.69 -18.58
CA PRO C 142 -19.03 -17.87 -19.11
C PRO C 142 -19.98 -18.58 -18.17
N LEU C 143 -19.45 -19.48 -17.34
CA LEU C 143 -20.29 -20.12 -16.34
C LEU C 143 -20.77 -19.09 -15.30
N LEU C 144 -19.87 -18.17 -14.93
CA LEU C 144 -20.20 -17.17 -13.94
C LEU C 144 -21.22 -16.18 -14.48
N THR C 145 -21.08 -15.79 -15.76
CA THR C 145 -21.98 -14.76 -16.27
C THR C 145 -23.37 -15.34 -16.59
N ALA C 146 -23.51 -16.68 -16.53
CA ALA C 146 -24.81 -17.33 -16.57
C ALA C 146 -25.60 -17.04 -15.30
N SER C 147 -24.92 -16.57 -14.25
CA SER C 147 -25.56 -16.25 -12.96
C SER C 147 -25.74 -14.72 -12.80
N GLU C 148 -26.89 -14.31 -12.27
CA GLU C 148 -27.21 -12.87 -12.20
C GLU C 148 -26.25 -12.08 -11.34
N VAL C 149 -25.80 -12.71 -10.27
CA VAL C 149 -24.81 -12.13 -9.35
C VAL C 149 -23.69 -13.15 -9.41
N ALA C 150 -22.47 -12.68 -9.64
CA ALA C 150 -21.32 -13.56 -9.79
C ALA C 150 -20.15 -12.97 -9.10
N ASP C 151 -19.41 -13.83 -8.41
CA ASP C 151 -18.24 -13.46 -7.62
C ASP C 151 -17.08 -14.41 -7.90
N ILE C 152 -15.87 -13.84 -7.94
CA ILE C 152 -14.63 -14.59 -7.79
C ILE C 152 -14.00 -14.09 -6.53
N VAL C 153 -13.59 -15.02 -5.67
CA VAL C 153 -12.87 -14.69 -4.46
C VAL C 153 -11.51 -15.42 -4.40
N HIS C 154 -10.42 -14.66 -4.30
CA HIS C 154 -9.07 -15.22 -4.20
C HIS C 154 -8.64 -15.29 -2.71
N ILE C 155 -8.37 -16.50 -2.19
CA ILE C 155 -7.88 -16.60 -0.82
C ILE C 155 -6.36 -16.67 -0.85
N SER C 156 -5.71 -15.63 -0.38
CA SER C 156 -4.26 -15.53 -0.45
C SER C 156 -3.68 -15.80 0.94
N ASP C 157 -2.92 -14.87 1.49
CA ASP C 157 -2.31 -15.03 2.82
C ASP C 157 -1.78 -13.67 3.19
N ASP C 158 -2.03 -13.24 4.43
CA ASP C 158 -1.54 -11.94 4.96
C ASP C 158 0.00 -11.75 4.95
N VAL C 159 0.77 -12.83 4.76
CA VAL C 159 2.22 -12.75 4.71
C VAL C 159 2.69 -11.84 3.61
N THR C 160 1.90 -11.67 2.54
CA THR C 160 2.27 -10.81 1.41
C THR C 160 2.52 -9.34 1.78
N ARG C 161 1.87 -8.87 2.83
CA ARG C 161 2.04 -7.48 3.24
CA ARG C 161 2.05 -7.47 3.24
C ARG C 161 3.48 -7.12 3.60
N LYS C 162 4.12 -7.96 4.41
CA LYS C 162 5.48 -7.78 4.89
C LYS C 162 6.54 -8.55 4.10
N GLY C 163 6.16 -9.60 3.37
CA GLY C 163 7.15 -10.52 2.85
C GLY C 163 7.54 -11.53 3.88
N SER C 164 8.29 -12.57 3.46
CA SER C 164 8.74 -13.57 4.44
C SER C 164 10.17 -13.97 4.14
N SER C 165 11.04 -13.78 5.12
CA SER C 165 12.44 -14.25 5.02
C SER C 165 12.47 -15.75 4.79
N LYS C 166 11.59 -16.48 5.44
CA LYS C 166 11.63 -17.95 5.35
C LYS C 166 10.96 -18.46 4.11
N HIS C 167 9.75 -17.98 3.89
CA HIS C 167 8.83 -18.54 2.87
C HIS C 167 8.74 -17.64 1.66
N ILE C 168 9.89 -17.45 1.02
CA ILE C 168 10.04 -16.45 -0.04
C ILE C 168 9.20 -16.82 -1.23
N ALA C 169 9.40 -18.06 -1.70
CA ALA C 169 8.68 -18.54 -2.87
C ALA C 169 7.14 -18.60 -2.63
N TYR C 170 6.75 -19.15 -1.50
CA TYR C 170 5.37 -19.20 -1.15
C TYR C 170 4.74 -17.81 -1.15
N CYS C 171 5.38 -16.89 -0.48
CA CYS C 171 4.88 -15.53 -0.40
C CYS C 171 4.75 -14.90 -1.78
N ALA C 172 5.76 -15.04 -2.63
CA ALA C 172 5.74 -14.48 -3.99
C ALA C 172 4.58 -15.01 -4.81
N THR C 173 4.24 -16.30 -4.70
CA THR C 173 3.11 -16.90 -5.42
C THR C 173 1.77 -16.33 -4.90
N LYS C 174 1.72 -16.06 -3.60
CA LYS C 174 0.52 -15.48 -2.97
C LYS C 174 0.33 -14.02 -3.40
N ALA C 175 1.44 -13.29 -3.52
CA ALA C 175 1.43 -11.93 -4.06
C ALA C 175 0.99 -11.88 -5.52
N GLY C 176 1.39 -12.86 -6.34
CA GLY C 176 0.92 -12.96 -7.71
C GLY C 176 -0.57 -13.18 -7.78
N LEU C 177 -1.06 -14.05 -6.89
CA LEU C 177 -2.49 -14.29 -6.76
C LEU C 177 -3.24 -12.98 -6.44
N GLU C 178 -2.73 -12.16 -5.50
CA GLU C 178 -3.37 -10.90 -5.15
C GLU C 178 -3.41 -9.95 -6.32
N SER C 179 -2.42 -10.00 -7.20
CA SER C 179 -2.44 -9.18 -8.44
C SER C 179 -3.60 -9.59 -9.36
N LEU C 180 -3.89 -10.91 -9.44
CA LEU C 180 -5.00 -11.45 -10.23
C LEU C 180 -6.35 -10.83 -9.79
N THR C 181 -6.47 -10.44 -8.50
CA THR C 181 -7.66 -9.77 -8.04
C THR C 181 -7.88 -8.47 -8.76
N LEU C 182 -6.87 -7.62 -8.77
CA LEU C 182 -6.95 -6.32 -9.43
C LEU C 182 -7.25 -6.45 -10.92
N SER C 183 -6.51 -7.35 -11.56
CA SER C 183 -6.61 -7.48 -12.97
C SER C 183 -7.91 -8.11 -13.50
N PHE C 184 -8.33 -9.20 -12.90
CA PHE C 184 -9.64 -9.77 -13.24
C PHE C 184 -10.79 -8.92 -12.78
N ALA C 185 -10.65 -8.15 -11.69
CA ALA C 185 -11.70 -7.16 -11.35
C ALA C 185 -11.94 -6.20 -12.51
N ALA C 186 -10.85 -5.70 -13.13
CA ALA C 186 -10.94 -4.78 -14.27
C ALA C 186 -11.55 -5.45 -15.47
N ARG C 187 -11.07 -6.63 -15.80
CA ARG C 187 -11.54 -7.30 -17.01
C ARG C 187 -12.98 -7.72 -16.95
N PHE C 188 -13.39 -8.33 -15.83
CA PHE C 188 -14.67 -9.01 -15.70
C PHE C 188 -15.78 -8.09 -15.21
N ALA C 189 -15.49 -6.83 -14.87
CA ALA C 189 -16.55 -5.90 -14.58
C ALA C 189 -17.31 -5.60 -15.88
N PRO C 190 -18.59 -5.26 -15.77
CA PRO C 190 -19.40 -5.17 -14.55
C PRO C 190 -20.04 -6.47 -14.06
N LEU C 191 -19.92 -7.56 -14.81
CA LEU C 191 -20.77 -8.72 -14.55
C LEU C 191 -20.29 -9.61 -13.44
N VAL C 192 -19.00 -9.61 -13.15
CA VAL C 192 -18.46 -10.47 -12.10
C VAL C 192 -17.62 -9.61 -11.16
N LYS C 193 -17.88 -9.71 -9.86
CA LYS C 193 -17.12 -9.02 -8.84
C LYS C 193 -15.94 -9.90 -8.45
N VAL C 194 -14.77 -9.30 -8.29
CA VAL C 194 -13.57 -10.10 -8.04
C VAL C 194 -12.88 -9.47 -6.85
N ASN C 195 -12.72 -10.22 -5.78
CA ASN C 195 -12.13 -9.72 -4.54
C ASN C 195 -11.25 -10.80 -3.93
N GLY C 196 -10.51 -10.43 -2.90
CA GLY C 196 -9.66 -11.33 -2.14
C GLY C 196 -9.90 -11.32 -0.64
N ILE C 197 -9.52 -12.42 -0.02
CA ILE C 197 -9.38 -12.47 1.46
C ILE C 197 -7.93 -12.90 1.73
N ALA C 198 -7.24 -12.15 2.60
CA ALA C 198 -5.82 -12.39 2.95
C ALA C 198 -5.80 -12.73 4.44
N PRO C 199 -5.94 -14.02 4.77
CA PRO C 199 -5.94 -14.41 6.15
C PRO C 199 -4.53 -14.69 6.69
N ALA C 200 -4.35 -14.54 7.98
CA ALA C 200 -3.07 -14.91 8.55
C ALA C 200 -2.99 -16.43 8.63
N LEU C 201 -2.89 -17.11 7.46
CA LEU C 201 -2.84 -18.57 7.38
C LEU C 201 -1.65 -19.08 8.19
N ALA C 210 3.48 -24.94 15.13
CA ALA C 210 3.33 -24.69 16.59
C ALA C 210 4.19 -23.52 17.05
N ALA C 211 5.50 -23.60 16.77
CA ALA C 211 6.45 -22.47 17.01
C ALA C 211 5.96 -21.26 16.22
N TYR C 212 5.71 -21.49 14.94
CA TYR C 212 5.15 -20.46 14.06
C TYR C 212 3.84 -19.83 14.59
N ARG C 213 2.91 -20.66 15.07
N ARG C 213 2.91 -20.66 15.08
CA ARG C 213 1.65 -20.14 15.69
CA ARG C 213 1.65 -20.14 15.68
C ARG C 213 1.89 -19.30 16.97
C ARG C 213 1.88 -19.32 16.97
N ALA C 214 2.69 -19.84 17.88
CA ALA C 214 2.98 -19.17 19.16
C ALA C 214 3.56 -17.76 18.92
N ASN C 215 4.50 -17.68 17.99
CA ASN C 215 5.12 -16.44 17.60
C ASN C 215 4.10 -15.49 16.94
N ALA C 216 3.32 -16.03 15.98
CA ALA C 216 2.37 -15.20 15.24
C ALA C 216 1.31 -14.59 16.17
N LEU C 217 0.80 -15.42 17.11
CA LEU C 217 -0.24 -14.94 18.06
C LEU C 217 0.20 -13.75 18.90
N ALA C 218 1.41 -13.88 19.47
CA ALA C 218 2.04 -12.83 20.24
C ALA C 218 2.21 -11.56 19.42
N LYS C 219 2.45 -11.74 18.13
CA LYS C 219 2.59 -10.64 17.15
C LYS C 219 1.24 -10.05 16.67
N SER C 220 0.12 -10.71 16.97
CA SER C 220 -1.19 -10.09 16.69
C SER C 220 -1.58 -9.10 17.78
N ALA C 221 -2.35 -8.10 17.38
CA ALA C 221 -2.84 -7.04 18.28
C ALA C 221 -3.93 -7.60 19.22
N LEU C 222 -4.84 -8.43 18.68
CA LEU C 222 -6.03 -8.91 19.39
C LEU C 222 -5.78 -10.10 20.30
N GLY C 223 -4.70 -10.83 20.04
CA GLY C 223 -4.27 -11.91 20.94
C GLY C 223 -5.29 -13.04 21.00
N ILE C 224 -5.99 -13.27 19.89
CA ILE C 224 -6.99 -14.34 19.71
CA ILE C 224 -6.84 -14.45 19.84
C ILE C 224 -6.45 -15.31 18.68
N GLU C 225 -6.68 -16.61 18.85
CA GLU C 225 -6.43 -17.55 17.75
CA GLU C 225 -6.44 -17.57 17.77
C GLU C 225 -7.72 -17.61 16.93
N PRO C 226 -7.64 -17.33 15.63
CA PRO C 226 -8.87 -17.36 14.85
C PRO C 226 -9.33 -18.79 14.47
N GLY C 227 -10.62 -18.97 14.28
CA GLY C 227 -11.16 -20.18 13.64
C GLY C 227 -11.54 -19.85 12.22
N ALA C 228 -11.77 -20.87 11.41
CA ALA C 228 -12.13 -20.66 10.03
C ALA C 228 -13.41 -19.84 9.85
N GLU C 229 -14.25 -19.73 10.90
CA GLU C 229 -15.46 -18.94 10.78
C GLU C 229 -15.21 -17.46 10.41
N VAL C 230 -14.07 -16.91 10.84
CA VAL C 230 -13.66 -15.57 10.45
C VAL C 230 -13.58 -15.42 8.93
N ILE C 231 -13.07 -16.46 8.25
CA ILE C 231 -12.99 -16.40 6.81
C ILE C 231 -14.36 -16.59 6.15
N TYR C 232 -15.21 -17.45 6.71
CA TYR C 232 -16.57 -17.56 6.20
C TYR C 232 -17.33 -16.23 6.25
N GLN C 233 -17.19 -15.48 7.36
CA GLN C 233 -17.85 -14.20 7.49
C GLN C 233 -17.36 -13.21 6.41
N SER C 234 -16.06 -13.22 6.15
CA SER C 234 -15.46 -12.41 5.07
C SER C 234 -16.02 -12.80 3.74
N LEU C 235 -16.11 -14.11 3.50
CA LEU C 235 -16.74 -14.57 2.26
C LEU C 235 -18.16 -14.13 2.06
N ARG C 236 -18.96 -14.20 3.13
CA ARG C 236 -20.37 -13.78 3.09
C ARG C 236 -20.45 -12.31 2.79
N TYR C 237 -19.55 -11.55 3.41
CA TYR C 237 -19.57 -10.11 3.14
C TYR C 237 -19.35 -9.83 1.64
N LEU C 238 -18.35 -10.48 1.07
CA LEU C 238 -18.03 -10.28 -0.34
C LEU C 238 -19.16 -10.80 -1.23
N LEU C 239 -19.65 -12.00 -0.97
CA LEU C 239 -20.71 -12.57 -1.83
C LEU C 239 -21.96 -11.69 -1.82
N ASP C 240 -22.30 -11.16 -0.64
CA ASP C 240 -23.57 -10.44 -0.44
C ASP C 240 -23.49 -8.95 -0.82
N SER C 241 -22.29 -8.44 -1.03
CA SER C 241 -22.09 -7.04 -1.36
C SER C 241 -22.44 -6.82 -2.82
N THR C 242 -22.78 -5.58 -3.15
CA THR C 242 -23.12 -5.24 -4.49
C THR C 242 -22.14 -4.24 -5.12
N TYR C 243 -21.37 -3.51 -4.31
CA TYR C 243 -20.63 -2.37 -4.80
C TYR C 243 -19.14 -2.51 -4.48
N VAL C 244 -18.71 -3.75 -4.27
CA VAL C 244 -17.34 -4.01 -3.91
C VAL C 244 -16.67 -4.96 -4.94
N THR C 245 -15.63 -4.45 -5.59
CA THR C 245 -14.79 -5.26 -6.44
C THR C 245 -13.39 -4.70 -6.48
N GLY C 246 -12.41 -5.57 -6.77
CA GLY C 246 -11.03 -5.17 -6.74
C GLY C 246 -10.38 -4.99 -5.40
N THR C 247 -11.01 -5.47 -4.33
CA THR C 247 -10.56 -5.28 -2.92
C THR C 247 -10.06 -6.57 -2.35
N THR C 248 -9.27 -6.46 -1.27
CA THR C 248 -8.79 -7.60 -0.54
C THR C 248 -9.03 -7.34 0.95
N LEU C 249 -9.75 -8.25 1.60
CA LEU C 249 -9.99 -8.12 3.04
C LEU C 249 -8.80 -8.68 3.86
N THR C 250 -8.32 -7.91 4.81
CA THR C 250 -7.21 -8.36 5.68
C THR C 250 -7.83 -8.92 6.93
N VAL C 251 -7.53 -10.20 7.18
CA VAL C 251 -8.10 -10.96 8.30
C VAL C 251 -6.92 -11.51 9.09
N ASN C 252 -6.45 -10.71 10.04
CA ASN C 252 -5.12 -10.97 10.63
C ASN C 252 -4.94 -10.57 12.10
N GLY C 253 -6.02 -10.28 12.82
CA GLY C 253 -5.93 -9.89 14.24
C GLY C 253 -5.09 -8.67 14.55
N GLY C 254 -4.91 -7.83 13.55
CA GLY C 254 -4.14 -6.62 13.66
C GLY C 254 -2.64 -6.88 13.74
N ARG C 255 -2.18 -7.99 13.17
CA ARG C 255 -0.74 -8.26 13.19
CA ARG C 255 -0.73 -8.30 13.08
C ARG C 255 0.08 -7.09 12.62
N HIS C 256 -0.44 -6.41 11.62
CA HIS C 256 0.27 -5.27 11.04
C HIS C 256 0.37 -3.98 11.91
N VAL C 257 -0.39 -3.89 12.99
CA VAL C 257 -0.29 -2.69 13.83
C VAL C 257 0.43 -2.93 15.13
N LYS C 258 0.68 -4.20 15.46
CA LYS C 258 1.21 -4.53 16.79
C LYS C 258 2.69 -4.16 16.82
N SER D 27 34.35 -2.30 -6.88
CA SER D 27 35.33 -2.89 -7.84
C SER D 27 35.02 -4.37 -8.23
N ALA D 28 34.26 -5.06 -7.39
CA ALA D 28 33.61 -6.29 -7.81
C ALA D 28 32.65 -5.93 -8.94
N PRO D 29 32.37 -6.85 -9.87
CA PRO D 29 31.50 -6.48 -10.98
C PRO D 29 30.04 -6.37 -10.61
N ILE D 30 29.32 -5.59 -11.40
CA ILE D 30 27.87 -5.56 -11.34
C ILE D 30 27.31 -6.39 -12.49
N LEU D 31 26.37 -7.26 -12.17
CA LEU D 31 25.66 -8.06 -13.15
C LEU D 31 24.35 -7.38 -13.45
N ILE D 32 24.11 -7.17 -14.76
CA ILE D 32 22.81 -6.77 -15.21
CA ILE D 32 22.83 -6.70 -15.31
C ILE D 32 22.25 -7.77 -16.25
N THR D 33 21.10 -8.36 -15.91
CA THR D 33 20.54 -9.42 -16.76
C THR D 33 19.74 -8.86 -17.91
N GLY D 34 19.72 -9.63 -18.99
CA GLY D 34 18.85 -9.35 -20.12
C GLY D 34 19.11 -8.00 -20.72
N ALA D 35 20.39 -7.70 -20.96
CA ALA D 35 20.81 -6.33 -21.19
C ALA D 35 21.11 -5.98 -22.64
N SER D 36 20.56 -6.74 -23.55
CA SER D 36 20.34 -6.22 -24.90
C SER D 36 18.94 -5.49 -25.00
N GLN D 37 18.06 -5.65 -24.00
CA GLN D 37 16.86 -4.78 -23.88
CA GLN D 37 16.86 -4.80 -23.98
C GLN D 37 17.37 -3.36 -23.82
N ARG D 38 16.73 -2.42 -24.54
CA ARG D 38 17.11 -1.01 -24.45
C ARG D 38 17.40 -0.50 -23.05
N VAL D 39 16.52 -0.66 -22.04
CA VAL D 39 16.85 -0.12 -20.73
C VAL D 39 18.07 -0.76 -20.12
N GLY D 40 18.19 -2.08 -20.20
CA GLY D 40 19.39 -2.75 -19.70
C GLY D 40 20.66 -2.34 -20.42
N LEU D 41 20.56 -2.19 -21.72
CA LEU D 41 21.69 -1.72 -22.54
C LEU D 41 22.19 -0.37 -22.05
N HIS D 42 21.24 0.57 -21.89
CA HIS D 42 21.57 1.91 -21.41
C HIS D 42 22.26 1.89 -20.05
N CYS D 43 21.68 1.14 -19.12
CA CYS D 43 22.21 1.05 -17.78
C CYS D 43 23.57 0.41 -17.80
N ALA D 44 23.77 -0.65 -18.60
CA ALA D 44 25.08 -1.30 -18.62
C ALA D 44 26.18 -0.33 -19.14
N LEU D 45 25.85 0.41 -20.18
CA LEU D 45 26.78 1.35 -20.78
C LEU D 45 27.12 2.49 -19.84
N ARG D 46 26.12 2.98 -19.12
CA ARG D 46 26.31 4.05 -18.14
C ARG D 46 27.17 3.59 -16.95
N LEU D 47 26.94 2.37 -16.51
CA LEU D 47 27.76 1.79 -15.46
C LEU D 47 29.22 1.67 -15.90
N LEU D 48 29.42 1.22 -17.14
CA LEU D 48 30.79 1.06 -17.65
C LEU D 48 31.49 2.44 -17.73
N GLU D 49 30.78 3.43 -18.25
CA GLU D 49 31.31 4.81 -18.29
C GLU D 49 31.64 5.31 -16.89
N HIS D 50 30.76 5.03 -15.94
CA HIS D 50 30.99 5.39 -14.53
C HIS D 50 32.24 4.69 -13.96
N GLY D 51 32.76 3.65 -14.62
CA GLY D 51 33.96 2.99 -14.15
C GLY D 51 33.79 1.63 -13.50
N HIS D 52 32.57 1.07 -13.50
CA HIS D 52 32.34 -0.25 -12.92
C HIS D 52 32.77 -1.31 -13.88
N ARG D 53 33.11 -2.46 -13.32
CA ARG D 53 33.18 -3.69 -14.09
CA ARG D 53 33.18 -3.68 -14.09
C ARG D 53 31.75 -4.19 -14.19
N VAL D 54 31.36 -4.61 -15.39
CA VAL D 54 29.99 -5.02 -15.68
C VAL D 54 29.94 -6.33 -16.42
N ILE D 55 29.09 -7.23 -15.95
CA ILE D 55 28.75 -8.47 -16.59
C ILE D 55 27.33 -8.31 -17.03
N ILE D 56 27.07 -8.73 -18.27
CA ILE D 56 25.72 -8.75 -18.78
C ILE D 56 25.34 -10.14 -19.21
N SER D 57 24.05 -10.46 -19.08
CA SER D 57 23.51 -11.64 -19.75
C SER D 57 22.69 -11.23 -20.96
N TYR D 58 22.61 -12.12 -21.97
CA TYR D 58 21.82 -11.86 -23.18
C TYR D 58 21.18 -13.18 -23.61
N ARG D 59 19.99 -13.08 -24.19
N ARG D 59 19.98 -13.09 -24.19
CA ARG D 59 19.22 -14.25 -24.61
CA ARG D 59 19.25 -14.29 -24.61
C ARG D 59 19.52 -14.58 -26.08
C ARG D 59 19.40 -14.56 -26.11
N THR D 60 19.83 -13.57 -26.88
CA THR D 60 20.25 -13.80 -28.28
C THR D 60 21.34 -12.84 -28.74
N GLU D 61 22.26 -13.34 -29.58
CA GLU D 61 23.37 -12.50 -30.07
CA GLU D 61 23.37 -12.51 -30.09
C GLU D 61 22.83 -11.42 -31.02
N HIS D 62 23.39 -10.23 -30.89
CA HIS D 62 22.80 -9.02 -31.44
C HIS D 62 23.83 -7.88 -31.40
N ALA D 63 23.84 -7.05 -32.44
CA ALA D 63 24.78 -5.94 -32.56
C ALA D 63 25.10 -5.19 -31.25
N SER D 64 24.07 -4.86 -30.47
CA SER D 64 24.26 -4.20 -29.16
C SER D 64 25.05 -5.07 -28.15
N VAL D 65 24.96 -6.40 -28.26
CA VAL D 65 25.88 -7.24 -27.49
C VAL D 65 27.34 -6.96 -27.90
N THR D 66 27.68 -6.84 -29.18
CA THR D 66 29.06 -6.47 -29.55
C THR D 66 29.40 -5.06 -29.06
N GLU D 67 28.44 -4.13 -29.14
CA GLU D 67 28.60 -2.79 -28.56
C GLU D 67 28.99 -2.91 -27.09
N LEU D 68 28.29 -3.76 -26.36
CA LEU D 68 28.58 -3.93 -24.95
C LEU D 68 30.00 -4.51 -24.73
N ARG D 69 30.33 -5.54 -25.51
CA ARG D 69 31.66 -6.12 -25.48
C ARG D 69 32.72 -5.05 -25.70
N GLN D 70 32.50 -4.24 -26.73
CA GLN D 70 33.39 -3.13 -27.08
C GLN D 70 33.54 -2.11 -25.96
N ALA D 71 32.47 -1.91 -25.21
CA ALA D 71 32.45 -0.97 -24.12
C ALA D 71 33.16 -1.50 -22.87
N GLY D 72 33.50 -2.78 -22.87
CA GLY D 72 34.17 -3.39 -21.71
C GLY D 72 33.38 -4.43 -20.96
N ALA D 73 32.16 -4.74 -21.42
CA ALA D 73 31.26 -5.67 -20.66
C ALA D 73 31.73 -7.09 -20.86
N VAL D 74 31.56 -7.89 -19.81
CA VAL D 74 31.76 -9.33 -19.87
C VAL D 74 30.38 -9.88 -20.27
N ALA D 75 30.25 -10.33 -21.53
CA ALA D 75 28.95 -10.71 -22.07
C ALA D 75 28.72 -12.25 -21.97
N LEU D 76 27.66 -12.65 -21.24
CA LEU D 76 27.37 -14.08 -21.06
C LEU D 76 26.00 -14.44 -21.57
N TYR D 77 25.92 -15.54 -22.27
CA TYR D 77 24.60 -16.10 -22.63
C TYR D 77 23.77 -16.52 -21.40
N GLY D 78 22.48 -16.10 -21.35
CA GLY D 78 21.59 -16.54 -20.30
C GLY D 78 20.16 -16.86 -20.79
N ASP D 79 19.71 -18.09 -20.63
CA ASP D 79 18.35 -18.45 -21.07
C ASP D 79 17.56 -18.64 -19.81
N PHE D 80 16.70 -17.68 -19.53
CA PHE D 80 15.89 -17.71 -18.31
C PHE D 80 14.49 -18.36 -18.46
N SER D 81 14.30 -19.08 -19.57
N SER D 81 14.29 -19.10 -19.56
CA SER D 81 13.07 -19.83 -19.90
CA SER D 81 13.05 -19.78 -19.88
C SER D 81 12.67 -20.94 -18.95
C SER D 81 12.67 -20.96 -18.98
N CYS D 82 13.63 -21.51 -18.25
CA CYS D 82 13.39 -22.69 -17.45
C CYS D 82 14.51 -22.88 -16.45
N GLU D 83 14.26 -23.70 -15.44
CA GLU D 83 15.27 -23.99 -14.46
C GLU D 83 16.60 -24.39 -15.11
N THR D 84 16.59 -25.23 -16.14
CA THR D 84 17.89 -25.68 -16.69
C THR D 84 18.71 -24.50 -17.20
N GLY D 85 18.05 -23.63 -17.95
CA GLY D 85 18.70 -22.48 -18.55
C GLY D 85 19.17 -21.55 -17.44
N ILE D 86 18.38 -21.37 -16.43
CA ILE D 86 18.79 -20.52 -15.32
C ILE D 86 19.99 -21.12 -14.57
N MSE D 87 19.96 -22.41 -14.24
CA MSE D 87 21.12 -23.00 -13.55
C MSE D 87 22.34 -22.99 -14.46
O MSE D 87 23.46 -22.78 -13.95
CB MSE D 87 20.86 -24.42 -13.02
CG MSE D 87 19.78 -24.57 -12.04
SE MSE D 87 19.90 -23.37 -10.47
CE MSE D 87 21.52 -24.03 -9.65
N ALA D 88 22.19 -23.21 -15.79
CA ALA D 88 23.36 -23.08 -16.69
C ALA D 88 24.01 -21.70 -16.58
N PHE D 89 23.16 -20.68 -16.55
CA PHE D 89 23.66 -19.31 -16.45
C PHE D 89 24.39 -19.09 -15.12
N ILE D 90 23.79 -19.53 -14.03
CA ILE D 90 24.45 -19.37 -12.74
C ILE D 90 25.80 -20.06 -12.76
N ASP D 91 25.88 -21.26 -13.32
CA ASP D 91 27.20 -21.96 -13.38
C ASP D 91 28.24 -21.15 -14.12
N LEU D 92 27.82 -20.65 -15.27
CA LEU D 92 28.65 -19.87 -16.14
C LEU D 92 29.11 -18.62 -15.44
N LEU D 93 28.19 -17.94 -14.77
CA LEU D 93 28.53 -16.76 -13.98
C LEU D 93 29.59 -17.06 -12.95
N LYS D 94 29.44 -18.16 -12.23
CA LYS D 94 30.36 -18.49 -11.15
C LYS D 94 31.77 -18.89 -11.64
N THR D 95 31.91 -19.19 -12.94
CA THR D 95 33.23 -19.39 -13.50
C THR D 95 33.97 -18.06 -13.76
N GLN D 96 33.21 -16.97 -13.90
CA GLN D 96 33.72 -15.67 -14.18
C GLN D 96 34.20 -14.91 -12.98
N THR D 97 33.48 -15.07 -11.87
CA THR D 97 33.74 -14.23 -10.73
C THR D 97 33.46 -14.95 -9.42
N SER D 98 34.24 -14.63 -8.40
CA SER D 98 33.89 -15.07 -7.05
C SER D 98 33.29 -13.94 -6.20
N SER D 99 33.05 -12.75 -6.78
CA SER D 99 32.32 -11.71 -6.06
C SER D 99 31.44 -10.88 -7.01
N LEU D 100 30.43 -10.23 -6.44
CA LEU D 100 29.55 -9.30 -7.18
C LEU D 100 29.29 -8.12 -6.30
N ARG D 101 29.31 -6.98 -6.91
CA ARG D 101 28.97 -5.73 -6.26
C ARG D 101 27.47 -5.63 -6.22
N ALA D 102 26.83 -6.09 -7.30
CA ALA D 102 25.36 -6.03 -7.35
C ALA D 102 24.86 -6.97 -8.41
N VAL D 103 23.59 -7.29 -8.29
CA VAL D 103 22.83 -7.94 -9.33
C VAL D 103 21.61 -7.09 -9.61
N VAL D 104 21.48 -6.72 -10.86
CA VAL D 104 20.31 -6.00 -11.35
C VAL D 104 19.50 -6.89 -12.23
N HIS D 105 18.34 -7.30 -11.72
CA HIS D 105 17.39 -8.16 -12.42
C HIS D 105 16.53 -7.35 -13.38
N ASN D 106 17.05 -7.17 -14.59
CA ASN D 106 16.45 -6.35 -15.63
C ASN D 106 15.74 -7.24 -16.65
N ALA D 107 16.15 -8.52 -16.78
CA ALA D 107 15.56 -9.40 -17.80
C ALA D 107 14.03 -9.38 -17.67
N SER D 108 13.35 -9.18 -18.80
CA SER D 108 11.92 -8.99 -18.79
C SER D 108 11.40 -9.54 -20.12
N GLU D 109 10.29 -10.25 -20.11
CA GLU D 109 9.67 -10.72 -21.33
C GLU D 109 8.17 -10.51 -21.28
N TRP D 110 7.64 -9.81 -22.26
CA TRP D 110 6.20 -9.63 -22.38
C TRP D 110 5.71 -10.59 -23.49
N LEU D 111 4.65 -11.33 -23.22
CA LEU D 111 4.04 -12.23 -24.21
C LEU D 111 2.55 -11.98 -24.17
N ALA D 112 1.92 -11.97 -25.33
CA ALA D 112 0.45 -11.91 -25.47
C ALA D 112 -0.26 -13.09 -24.83
N GLU D 113 -1.50 -12.88 -24.37
CA GLU D 113 -2.31 -13.97 -23.84
C GLU D 113 -3.01 -14.66 -25.04
N THR D 114 -2.20 -15.26 -25.93
CA THR D 114 -2.74 -15.87 -27.12
C THR D 114 -3.57 -17.07 -26.77
N PRO D 115 -4.82 -17.13 -27.25
CA PRO D 115 -5.66 -18.25 -26.92
C PRO D 115 -4.99 -19.57 -27.26
N GLY D 116 -5.03 -20.48 -26.30
CA GLY D 116 -4.42 -21.78 -26.42
C GLY D 116 -2.95 -21.81 -26.06
N GLU D 117 -2.35 -20.65 -25.80
CA GLU D 117 -0.96 -20.56 -25.37
C GLU D 117 -0.84 -19.81 -24.06
N GLU D 118 -1.96 -19.54 -23.40
CA GLU D 118 -1.89 -18.74 -22.17
C GLU D 118 -1.07 -19.38 -21.05
N ALA D 119 -1.22 -20.68 -20.82
CA ALA D 119 -0.47 -21.32 -19.73
C ALA D 119 1.03 -21.30 -20.07
N ASP D 120 1.40 -21.68 -21.31
CA ASP D 120 2.82 -21.67 -21.69
C ASP D 120 3.44 -20.28 -21.48
N ASN D 121 2.74 -19.23 -21.97
CA ASN D 121 3.22 -17.86 -21.81
C ASN D 121 3.30 -17.36 -20.35
N PHE D 122 2.28 -17.67 -19.54
CA PHE D 122 2.29 -17.36 -18.10
C PHE D 122 3.54 -18.03 -17.43
N THR D 123 3.78 -19.28 -17.73
CA THR D 123 4.91 -20.04 -17.18
C THR D 123 6.27 -19.43 -17.60
N ARG D 124 6.35 -18.99 -18.85
CA ARG D 124 7.56 -18.40 -19.33
C ARG D 124 7.84 -17.07 -18.66
N MSE D 125 6.81 -16.28 -18.46
CA MSE D 125 6.96 -15.01 -17.75
C MSE D 125 7.26 -15.21 -16.29
O MSE D 125 8.08 -14.51 -15.71
CB MSE D 125 5.72 -14.12 -18.00
CG MSE D 125 5.71 -13.60 -19.41
SE MSE D 125 4.32 -12.33 -19.76
CE MSE D 125 2.76 -13.43 -19.60
N PHE D 126 6.69 -16.25 -15.69
CA PHE D 126 7.03 -16.65 -14.35
C PHE D 126 8.54 -17.01 -14.28
N SER D 127 9.02 -17.72 -15.30
CA SER D 127 10.40 -18.20 -15.30
CA SER D 127 10.39 -18.20 -15.28
C SER D 127 11.38 -17.03 -15.34
N VAL D 128 11.10 -16.06 -16.21
CA VAL D 128 12.01 -14.91 -16.40
C VAL D 128 11.90 -13.95 -15.23
N HIS D 129 10.66 -13.64 -14.81
CA HIS D 129 10.47 -12.56 -13.80
C HIS D 129 10.57 -12.99 -12.33
N MSE D 130 10.29 -14.26 -12.02
CA MSE D 130 10.22 -14.76 -10.65
C MSE D 130 11.24 -15.88 -10.40
O MSE D 130 12.02 -15.75 -9.48
CB MSE D 130 8.82 -15.25 -10.32
CG MSE D 130 7.84 -14.07 -10.24
SE MSE D 130 5.98 -14.59 -10.10
CE MSE D 130 6.02 -15.60 -8.47
N LEU D 131 11.18 -16.96 -11.22
CA LEU D 131 12.09 -18.10 -11.00
C LEU D 131 13.55 -17.64 -11.10
N ALA D 132 13.89 -16.89 -12.13
CA ALA D 132 15.29 -16.52 -12.36
C ALA D 132 15.84 -15.64 -11.26
N PRO D 133 15.15 -14.54 -10.93
CA PRO D 133 15.65 -13.74 -9.80
C PRO D 133 15.76 -14.52 -8.51
N TYR D 134 14.77 -15.38 -8.24
CA TYR D 134 14.80 -16.19 -7.02
C TYR D 134 16.04 -17.09 -6.98
N LEU D 135 16.25 -17.89 -8.03
CA LEU D 135 17.39 -18.83 -8.06
C LEU D 135 18.75 -18.10 -8.06
N ILE D 136 18.86 -17.05 -8.86
CA ILE D 136 20.07 -16.28 -8.92
C ILE D 136 20.41 -15.70 -7.55
N ASN D 137 19.42 -15.08 -6.87
CA ASN D 137 19.68 -14.49 -5.56
C ASN D 137 20.12 -15.54 -4.58
N LEU D 138 19.40 -16.65 -4.57
CA LEU D 138 19.72 -17.71 -3.64
C LEU D 138 21.16 -18.23 -3.89
N HIS D 139 21.49 -18.52 -5.12
CA HIS D 139 22.79 -19.13 -5.47
C HIS D 139 23.95 -18.12 -5.49
N CYS D 140 23.65 -16.82 -5.64
CA CYS D 140 24.68 -15.81 -5.74
C CYS D 140 24.89 -15.01 -4.47
N GLU D 141 24.15 -15.33 -3.40
CA GLU D 141 24.34 -14.63 -2.14
C GLU D 141 25.82 -14.66 -1.70
N PRO D 142 26.53 -15.80 -1.85
CA PRO D 142 27.95 -15.77 -1.43
C PRO D 142 28.86 -14.84 -2.26
N LEU D 143 28.50 -14.62 -3.51
CA LEU D 143 29.25 -13.74 -4.36
C LEU D 143 29.08 -12.29 -3.85
N LEU D 144 27.86 -11.98 -3.45
CA LEU D 144 27.48 -10.63 -3.00
C LEU D 144 28.06 -10.35 -1.64
N THR D 145 28.05 -11.33 -0.73
CA THR D 145 28.59 -11.09 0.61
C THR D 145 30.12 -11.03 0.61
N ALA D 146 30.76 -11.38 -0.51
CA ALA D 146 32.19 -11.19 -0.65
C ALA D 146 32.50 -9.73 -0.96
N SER D 147 31.48 -8.91 -1.25
CA SER D 147 31.69 -7.49 -1.50
C SER D 147 31.28 -6.66 -0.27
N GLU D 148 32.05 -5.63 0.06
CA GLU D 148 31.78 -4.82 1.25
C GLU D 148 30.46 -4.13 1.18
N VAL D 149 30.10 -3.64 -0.01
CA VAL D 149 28.77 -3.09 -0.21
C VAL D 149 28.15 -3.97 -1.27
N ALA D 150 26.93 -4.44 -1.01
CA ALA D 150 26.27 -5.36 -1.96
C ALA D 150 24.79 -4.99 -2.14
N ASP D 151 24.35 -5.02 -3.38
CA ASP D 151 22.96 -4.73 -3.73
C ASP D 151 22.34 -5.77 -4.67
N ILE D 152 21.04 -5.99 -4.50
CA ILE D 152 20.17 -6.61 -5.53
C ILE D 152 19.11 -5.58 -5.88
N VAL D 153 18.86 -5.39 -7.16
CA VAL D 153 17.80 -4.48 -7.62
C VAL D 153 16.92 -5.26 -8.60
N HIS D 154 15.64 -5.36 -8.26
CA HIS D 154 14.66 -5.94 -9.12
C HIS D 154 13.92 -4.92 -9.96
N ILE D 155 14.03 -5.03 -11.30
CA ILE D 155 13.30 -4.10 -12.16
CA ILE D 155 13.30 -4.09 -12.15
C ILE D 155 11.98 -4.76 -12.54
N SER D 156 10.90 -4.23 -12.02
CA SER D 156 9.57 -4.78 -12.28
C SER D 156 8.84 -3.95 -13.33
N ASP D 157 7.71 -3.32 -12.98
CA ASP D 157 6.89 -2.57 -13.93
C ASP D 157 5.82 -1.92 -13.09
N ASP D 158 5.61 -0.62 -13.28
CA ASP D 158 4.61 0.16 -12.51
C ASP D 158 3.16 -0.29 -12.71
N VAL D 159 2.91 -1.11 -13.74
CA VAL D 159 1.59 -1.77 -13.97
C VAL D 159 0.99 -2.47 -12.72
N THR D 160 1.86 -2.97 -11.83
CA THR D 160 1.43 -3.72 -10.66
C THR D 160 0.60 -2.92 -9.68
N ARG D 161 0.75 -1.60 -9.68
N ARG D 161 0.75 -1.58 -9.67
CA ARG D 161 -0.04 -0.78 -8.74
CA ARG D 161 -0.06 -0.74 -8.75
C ARG D 161 -1.54 -0.88 -9.00
C ARG D 161 -1.55 -0.88 -8.99
N LYS D 162 -1.94 -0.82 -10.26
CA LYS D 162 -3.33 -0.81 -10.61
C LYS D 162 -3.83 -2.15 -11.10
N GLY D 163 -2.93 -3.06 -11.50
CA GLY D 163 -3.30 -4.26 -12.26
C GLY D 163 -3.52 -3.97 -13.74
N SER D 164 -3.82 -4.99 -14.54
CA SER D 164 -4.04 -4.78 -15.96
C SER D 164 -5.13 -5.66 -16.50
N SER D 165 -6.18 -5.07 -17.04
CA SER D 165 -7.25 -5.85 -17.61
C SER D 165 -6.69 -6.74 -18.75
N LYS D 166 -5.81 -6.16 -19.55
CA LYS D 166 -5.29 -6.88 -20.74
C LYS D 166 -4.16 -7.82 -20.39
N HIS D 167 -3.19 -7.34 -19.63
CA HIS D 167 -1.93 -8.03 -19.41
C HIS D 167 -1.88 -8.67 -18.03
N ILE D 168 -2.85 -9.51 -17.76
CA ILE D 168 -3.07 -10.11 -16.44
C ILE D 168 -1.90 -10.95 -15.98
N ALA D 169 -1.47 -11.89 -16.82
CA ALA D 169 -0.33 -12.80 -16.48
C ALA D 169 0.97 -12.05 -16.31
N TYR D 170 1.25 -11.15 -17.24
CA TYR D 170 2.44 -10.34 -17.17
C TYR D 170 2.48 -9.58 -15.86
N CYS D 171 1.41 -8.85 -15.58
CA CYS D 171 1.27 -8.09 -14.33
C CYS D 171 1.44 -8.97 -13.08
N ALA D 172 0.83 -10.15 -13.06
CA ALA D 172 0.97 -11.05 -11.88
C ALA D 172 2.41 -11.47 -11.66
N THR D 173 3.15 -11.70 -12.72
CA THR D 173 4.53 -12.13 -12.56
C THR D 173 5.40 -10.98 -12.04
N LYS D 174 5.12 -9.77 -12.52
CA LYS D 174 5.82 -8.55 -12.02
C LYS D 174 5.50 -8.28 -10.55
N ALA D 175 4.28 -8.60 -10.13
CA ALA D 175 3.88 -8.47 -8.72
C ALA D 175 4.60 -9.50 -7.87
N GLY D 176 4.76 -10.69 -8.40
CA GLY D 176 5.54 -11.75 -7.72
C GLY D 176 7.00 -11.32 -7.49
N LEU D 177 7.57 -10.66 -8.49
CA LEU D 177 8.93 -10.14 -8.42
C LEU D 177 9.03 -9.09 -7.35
N GLU D 178 8.03 -8.21 -7.24
CA GLU D 178 8.05 -7.20 -6.21
C GLU D 178 8.01 -7.79 -4.81
N SER D 179 7.34 -8.93 -4.63
CA SER D 179 7.31 -9.60 -3.33
C SER D 179 8.72 -10.08 -2.97
N LEU D 180 9.46 -10.57 -3.97
CA LEU D 180 10.86 -10.98 -3.75
C LEU D 180 11.75 -9.90 -3.19
N THR D 181 11.49 -8.66 -3.54
CA THR D 181 12.22 -7.56 -2.92
C THR D 181 12.06 -7.57 -1.41
N LEU D 182 10.82 -7.72 -0.92
CA LEU D 182 10.56 -7.61 0.50
C LEU D 182 11.18 -8.81 1.22
N SER D 183 11.08 -9.97 0.59
CA SER D 183 11.47 -11.19 1.28
C SER D 183 12.96 -11.38 1.28
N PHE D 184 13.57 -11.14 0.14
CA PHE D 184 15.07 -11.16 0.09
C PHE D 184 15.68 -10.02 0.89
N ALA D 185 15.03 -8.83 0.95
CA ALA D 185 15.54 -7.79 1.80
C ALA D 185 15.65 -8.26 3.26
N ALA D 186 14.63 -8.97 3.71
CA ALA D 186 14.58 -9.49 5.05
C ALA D 186 15.62 -10.58 5.24
N ARG D 187 15.70 -11.51 4.30
CA ARG D 187 16.62 -12.65 4.49
C ARG D 187 18.08 -12.22 4.39
N PHE D 188 18.40 -11.32 3.47
CA PHE D 188 19.79 -10.95 3.22
C PHE D 188 20.34 -9.78 4.01
N ALA D 189 19.51 -9.19 4.83
CA ALA D 189 19.97 -8.12 5.73
C ALA D 189 20.89 -8.76 6.79
N PRO D 190 21.92 -8.04 7.21
CA PRO D 190 22.33 -6.71 6.84
C PRO D 190 23.31 -6.55 5.71
N LEU D 191 23.80 -7.64 5.17
CA LEU D 191 24.92 -7.61 4.27
C LEU D 191 24.56 -7.28 2.83
N VAL D 192 23.31 -7.49 2.42
CA VAL D 192 22.92 -7.17 1.04
C VAL D 192 21.65 -6.36 1.04
N LYS D 193 21.66 -5.19 0.42
CA LYS D 193 20.48 -4.34 0.30
C LYS D 193 19.72 -4.81 -0.88
N VAL D 194 18.39 -4.87 -0.78
CA VAL D 194 17.57 -5.44 -1.83
C VAL D 194 16.41 -4.46 -2.06
N ASN D 195 16.32 -3.95 -3.27
CA ASN D 195 15.37 -2.89 -3.60
C ASN D 195 14.81 -3.11 -4.98
N GLY D 196 13.71 -2.45 -5.31
CA GLY D 196 13.16 -2.47 -6.67
C GLY D 196 13.05 -1.13 -7.37
N ILE D 197 12.95 -1.19 -8.70
CA ILE D 197 12.59 -0.06 -9.52
C ILE D 197 11.41 -0.52 -10.37
N ALA D 198 10.34 0.26 -10.40
CA ALA D 198 9.11 -0.12 -11.11
C ALA D 198 8.82 0.96 -12.14
N PRO D 199 9.36 0.80 -13.35
CA PRO D 199 9.12 1.77 -14.42
C PRO D 199 7.80 1.61 -15.16
N ALA D 200 7.21 2.72 -15.57
CA ALA D 200 5.99 2.63 -16.37
C ALA D 200 6.33 2.28 -17.83
N LEU D 201 5.47 1.47 -18.41
CA LEU D 201 5.38 1.24 -19.85
C LEU D 201 6.54 0.45 -20.37
N LEU D 202 7.14 -0.32 -19.47
CA LEU D 202 8.29 -1.08 -19.79
C LEU D 202 7.93 -2.05 -20.91
N MSE D 203 6.72 -2.61 -20.87
CA MSE D 203 6.38 -3.59 -21.92
C MSE D 203 6.14 -2.96 -23.28
O MSE D 203 6.19 -3.66 -24.28
CB MSE D 203 5.24 -4.50 -21.51
CG MSE D 203 4.02 -3.81 -21.01
SE MSE D 203 2.46 -5.03 -20.98
CE MSE D 203 2.00 -4.67 -22.77
N PHE D 204 5.92 -1.65 -23.30
CA PHE D 204 5.75 -0.88 -24.53
C PHE D 204 7.03 -0.22 -25.11
N GLN D 205 8.17 -0.42 -24.46
CA GLN D 205 9.40 0.18 -24.94
C GLN D 205 9.83 -0.48 -26.27
N PRO D 206 10.26 0.32 -27.26
CA PRO D 206 10.46 -0.26 -28.60
C PRO D 206 11.71 -1.12 -28.79
N GLU D 225 17.06 8.48 -24.41
CA GLU D 225 15.72 8.17 -23.94
C GLU D 225 15.58 8.54 -22.47
N PRO D 226 14.72 9.53 -22.16
CA PRO D 226 14.45 9.97 -20.76
C PRO D 226 14.09 8.82 -19.87
N GLY D 227 13.36 7.85 -20.41
CA GLY D 227 12.89 6.75 -19.59
C GLY D 227 14.01 5.90 -19.09
N ALA D 228 14.92 5.55 -19.99
CA ALA D 228 16.04 4.69 -19.62
C ALA D 228 16.97 5.44 -18.67
N GLU D 229 17.17 6.72 -18.93
CA GLU D 229 18.01 7.53 -18.07
C GLU D 229 17.48 7.70 -16.64
N VAL D 230 16.16 7.89 -16.50
CA VAL D 230 15.58 7.90 -15.16
C VAL D 230 15.77 6.57 -14.44
N ILE D 231 15.69 5.44 -15.16
CA ILE D 231 15.99 4.15 -14.57
C ILE D 231 17.43 4.07 -14.11
N TYR D 232 18.38 4.47 -14.96
CA TYR D 232 19.79 4.53 -14.57
C TYR D 232 20.00 5.41 -13.30
N GLN D 233 19.39 6.60 -13.29
CA GLN D 233 19.56 7.44 -12.10
CA GLN D 233 19.47 7.48 -12.09
C GLN D 233 18.98 6.81 -10.82
N SER D 234 17.90 6.07 -10.94
CA SER D 234 17.31 5.32 -9.85
C SER D 234 18.20 4.21 -9.36
N LEU D 235 18.81 3.50 -10.31
CA LEU D 235 19.80 2.51 -9.98
C LEU D 235 20.97 3.08 -9.23
N ARG D 236 21.52 4.17 -9.71
CA ARG D 236 22.64 4.85 -9.03
C ARG D 236 22.27 5.26 -7.63
N TYR D 237 21.05 5.76 -7.45
CA TYR D 237 20.61 6.18 -6.15
C TYR D 237 20.61 4.98 -5.20
N LEU D 238 20.05 3.86 -5.64
CA LEU D 238 19.98 2.65 -4.82
C LEU D 238 21.36 2.12 -4.51
N LEU D 239 22.20 2.00 -5.52
CA LEU D 239 23.54 1.43 -5.28
C LEU D 239 24.34 2.31 -4.29
N ASP D 240 24.24 3.62 -4.46
CA ASP D 240 25.03 4.52 -3.64
C ASP D 240 24.45 4.78 -2.23
N SER D 241 23.19 4.38 -1.98
CA SER D 241 22.56 4.65 -0.70
C SER D 241 23.13 3.69 0.36
N THR D 242 23.03 4.09 1.61
CA THR D 242 23.53 3.24 2.71
C THR D 242 22.37 2.72 3.63
N TYR D 243 21.21 3.36 3.61
CA TYR D 243 20.21 3.07 4.60
C TYR D 243 18.88 2.72 3.94
N VAL D 244 18.94 2.10 2.77
CA VAL D 244 17.73 1.86 2.01
C VAL D 244 17.71 0.38 1.61
N THR D 245 16.71 -0.33 2.13
CA THR D 245 16.50 -1.71 1.72
C THR D 245 15.03 -2.01 1.88
N GLY D 246 14.55 -2.97 1.10
CA GLY D 246 13.15 -3.32 1.08
C GLY D 246 12.22 -2.39 0.35
N THR D 247 12.76 -1.47 -0.44
CA THR D 247 11.91 -0.42 -1.07
C THR D 247 11.76 -0.63 -2.53
N THR D 248 10.77 0.04 -3.12
CA THR D 248 10.56 0.01 -4.59
C THR D 248 10.40 1.41 -5.07
N LEU D 249 11.27 1.87 -5.95
N LEU D 249 11.28 1.87 -5.95
CA LEU D 249 11.16 3.20 -6.52
CA LEU D 249 11.16 3.21 -6.54
C LEU D 249 10.22 3.20 -7.69
C LEU D 249 10.21 3.20 -7.71
N THR D 250 9.19 4.05 -7.64
CA THR D 250 8.23 4.22 -8.74
C THR D 250 8.75 5.29 -9.71
N VAL D 251 8.84 4.90 -10.97
CA VAL D 251 9.34 5.76 -12.02
C VAL D 251 8.25 5.80 -13.08
N ASN D 252 7.35 6.76 -13.02
CA ASN D 252 6.20 6.66 -13.98
C ASN D 252 5.63 7.99 -14.52
N GLY D 253 6.35 9.09 -14.35
CA GLY D 253 5.92 10.40 -14.83
C GLY D 253 4.71 10.98 -14.12
N GLY D 254 4.39 10.43 -12.95
CA GLY D 254 3.21 10.85 -12.22
C GLY D 254 1.93 10.30 -12.80
N ARG D 255 2.04 9.18 -13.56
CA ARG D 255 0.81 8.59 -14.13
C ARG D 255 -0.26 8.31 -13.09
N HIS D 256 0.14 7.91 -11.89
CA HIS D 256 -0.79 7.52 -10.82
C HIS D 256 -1.60 8.69 -10.18
N VAL D 257 -1.23 9.94 -10.49
CA VAL D 257 -1.93 11.14 -9.95
C VAL D 257 -2.72 11.80 -11.06
N LYS D 258 -2.61 11.28 -12.29
CA LYS D 258 -3.03 12.01 -13.50
C LYS D 258 -4.45 11.65 -13.92
C ACT E . -25.22 16.75 11.47
O ACT E . -24.01 16.93 11.69
OXT ACT E . -25.49 15.56 11.47
CH3 ACT E . -26.28 17.83 11.31
#